data_8K9K
#
_entry.id   8K9K
#
_cell.length_a   1.00
_cell.length_b   1.00
_cell.length_c   1.00
_cell.angle_alpha   90.00
_cell.angle_beta   90.00
_cell.angle_gamma   90.00
#
_symmetry.space_group_name_H-M   'P 1'
#
loop_
_entity.id
_entity.type
_entity.pdbx_description
1 polymer 'Soluble cytochrome b562,Mu-type opioid receptor'
2 polymer DAMGO
3 polymer 'G protein subunit alpha i3'
4 polymer 'Guanine nucleotide binding protein, beta polypeptide 1'
5 polymer 'Guanine nucleotide-binding protein G(I)/G(S)/G(O) subunit gamma-2'
6 polymer scFv16
#
loop_
_entity_poly.entity_id
_entity_poly.type
_entity_poly.pdbx_seq_one_letter_code
_entity_poly.pdbx_strand_id
1 'polypeptide(L)'
;CLVFADYKDDDDALEVLFQGPMADLEDNWETLNDNLKVIEKADNAAQVKDALTKMRAAALDAQKATPPKLEDKSPDSPEM
KDFRHGFDILVGQIDDALKLANEGKVKEAQAAAEQLKTTRNAYIQKYLGGSPGARSASSPSMITAITIMALYSIVCVVGL
FGNFLVMYVIVRYTKMKTATNIYIFNLALADALATSTLPFQSVNYLMGTWPFGTILCKIVISIDYYNMFTSIWTLCTMSV
DRYIAVCHPVKALDFRTPRNAKIINVCNWILSSAIGLPVMFMATTKYRQGSIDCTLTFSHPTWYWENLLKICVFIFAFIM
PVLIITVCYGLMILRLKSVRMLSGSKEKDRNLRRITRMVLVVVAVFIVCWTPIHIYVIIKALVTIPETTFQTVSWHFCIA
LGYTNSCLNPVLYAFLDENFKRCFREFCIPTSSNIEQLEVLFQGPHHHHHHHH
;
R
2 'polypeptide(L)' Y(DAL)G(MEA)(ETA) S
3 'polypeptide(L)'
;MGCTLSAEDKAAVERSKMIDRNLREDGEKAAKEVKLLLLGAGESGKSTIVKQMKIIHEDGYSEDECKQYKVVVYSNTIQS
IIAIIRAMGRLKIDFGEAARADDARQLFVLAGSAEEGVMTPELAGVIKRLWRDGGVQACFSRSREYQLNDSASYYLNDLD
RISQSNYIPTQQDVLRTRVKTTGIVETHFTFKDLYFKMFDVGGQRSERKKWIHCFEGVTAIIFCVALSDYDLVLAEDEEM
NRMHESMKLFDSICNNKWFTETSIILFLNKKDLFEEKIKRSPLTICYPEYTGSNTYEEAAAYIQCQFEDLNRRKDTKEIY
THFTCATDTKNVQFVFDAVTDVIIKNNLKECGLY
;
A
4 'polypeptide(L)'
;MHHHHHHHHSELDQLRQEAEQLKNQIRDARKACADATLSQITNNIDPVGRIQMRTRRTLRGHLAKIYAMHWGTDSRLLVS
ASQDGKLIIWDSYTTNKVHAIPLRSSWVMTCAYAPSGNYVACGGLDNICSIYNLKTREGNVRVSRELAGHTGYLSCCRFL
DDNQIVTSSGDTTCALWDIETGQQTTTFTGHTGDVMSLSLAPDTRLFVSGACDASAKLWDVREGMCRQTFTGHESDINAI
CFFPNGNAFATGSDDATCRLFDLRADQELMTYSHDNIICGITSVSFSKSGRLLLAGYDDFNCNVWDALKADRAGVLAGHD
NRVSCLGVTDDGMAVATGSWDSFLKIWN
;
B
5 'polypeptide(L)' MASNNTASIAQARKLVEQLKMEANIDRIKVSKAAADLMAYCEAHAKEDPLLTPVPASENPFREKKFFCAIL G
6 'polypeptide(L)'
;DVQLVESGGGLVQPGGSRKLSCSASGFAFSSFGMHWVRQAPEKGLEWVAYISSGSGTIYYADTVKGRFTISRDDPKNTLF
LQMTSLRSEDTAMYYCVRSIYYYGSSPFDFWGQGTTLTVSSGGGGSGGGGSGGGGSDIVMTQATSSVPVTPGESVSISCR
SSKSLLHSNGNTYLYWFLQRPGQSPQLLIYRMSNLASGVPDRFSGSGSGTAFTLTISRLEAEDVGVYYCMQHLEYPLTFG
AGTKLELKAAALEVLFQ
;
H
#
# COMPACT_ATOMS: atom_id res chain seq x y z
N SER A 141 53.20 6.76 36.53
CA SER A 141 53.00 7.95 35.72
C SER A 141 52.55 7.60 34.31
N MET A 142 53.51 7.54 33.39
CA MET A 142 53.22 7.26 31.98
C MET A 142 52.39 6.00 31.80
N ILE A 143 52.63 4.98 32.64
CA ILE A 143 51.85 3.75 32.56
C ILE A 143 50.37 4.03 32.80
N THR A 144 50.06 4.75 33.88
CA THR A 144 48.67 5.02 34.23
C THR A 144 48.01 5.89 33.17
N ALA A 145 48.74 6.88 32.65
CA ALA A 145 48.22 7.70 31.57
C ALA A 145 47.89 6.84 30.35
N ILE A 146 48.85 6.02 29.92
CA ILE A 146 48.65 5.17 28.76
C ILE A 146 47.43 4.28 28.93
N THR A 147 47.33 3.59 30.08
CA THR A 147 46.20 2.68 30.26
C THR A 147 44.88 3.44 30.21
N ILE A 148 44.80 4.62 30.83
CA ILE A 148 43.52 5.34 30.86
C ILE A 148 43.16 5.81 29.45
N MET A 149 44.14 6.33 28.71
CA MET A 149 43.91 6.69 27.31
C MET A 149 43.39 5.48 26.53
N ALA A 150 44.02 4.32 26.73
CA ALA A 150 43.59 3.12 26.02
C ALA A 150 42.14 2.78 26.34
N LEU A 151 41.76 2.82 27.63
CA LEU A 151 40.36 2.58 28.00
C LEU A 151 39.43 3.52 27.25
N TYR A 152 39.72 4.83 27.30
CA TYR A 152 38.86 5.81 26.66
C TYR A 152 38.77 5.55 25.15
N SER A 153 39.90 5.28 24.51
CA SER A 153 39.90 5.06 23.07
C SER A 153 39.12 3.80 22.71
N ILE A 154 39.21 2.76 23.54
CA ILE A 154 38.45 1.54 23.29
C ILE A 154 36.96 1.83 23.37
N VAL A 155 36.52 2.48 24.45
CA VAL A 155 35.08 2.69 24.63
C VAL A 155 34.58 3.84 23.78
N CYS A 156 35.47 4.49 23.05
CA CYS A 156 35.10 5.50 22.07
C CYS A 156 34.93 4.86 20.70
N VAL A 157 36.01 4.29 20.17
CA VAL A 157 35.99 3.66 18.86
C VAL A 157 34.91 2.59 18.79
N VAL A 158 34.86 1.70 19.78
CA VAL A 158 33.88 0.61 19.75
C VAL A 158 32.46 1.18 19.79
N GLY A 159 32.24 2.17 20.66
CA GLY A 159 30.90 2.74 20.77
C GLY A 159 30.44 3.38 19.47
N LEU A 160 31.27 4.25 18.90
CA LEU A 160 30.89 4.90 17.65
C LEU A 160 30.70 3.88 16.53
N PHE A 161 31.66 2.97 16.34
CA PHE A 161 31.53 2.00 15.26
C PHE A 161 30.26 1.18 15.40
N GLY A 162 30.01 0.65 16.59
CA GLY A 162 28.81 -0.16 16.79
C GLY A 162 27.53 0.61 16.55
N ASN A 163 27.45 1.82 17.10
CA ASN A 163 26.20 2.57 16.98
C ASN A 163 25.97 3.07 15.56
N PHE A 164 27.03 3.50 14.88
CA PHE A 164 26.91 3.86 13.46
C PHE A 164 26.50 2.67 12.60
N LEU A 165 27.07 1.49 12.87
CA LEU A 165 26.65 0.32 12.12
C LEU A 165 25.16 0.03 12.35
N VAL A 166 24.72 0.15 13.60
CA VAL A 166 23.30 -0.02 13.92
C VAL A 166 22.46 0.99 13.14
N MET A 167 22.88 2.25 13.13
CA MET A 167 22.16 3.30 12.41
C MET A 167 22.03 2.94 10.93
N TYR A 168 23.15 2.52 10.32
CA TYR A 168 23.15 2.12 8.92
C TYR A 168 22.19 0.96 8.66
N VAL A 169 22.27 -0.08 9.49
CA VAL A 169 21.39 -1.24 9.30
C VAL A 169 19.93 -0.83 9.41
N ILE A 170 19.60 0.02 10.40
CA ILE A 170 18.22 0.45 10.57
C ILE A 170 17.75 1.23 9.35
N VAL A 171 18.56 2.18 8.89
CA VAL A 171 18.17 3.03 7.76
C VAL A 171 18.02 2.22 6.47
N ARG A 172 18.89 1.24 6.24
CA ARG A 172 18.82 0.49 4.98
C ARG A 172 17.89 -0.73 4.97
N TYR A 173 17.94 -1.60 5.98
CA TYR A 173 17.07 -2.77 5.92
C TYR A 173 15.75 -2.71 6.66
N THR A 174 15.79 -2.70 8.00
CA THR A 174 14.60 -2.77 8.84
C THR A 174 13.46 -1.85 8.39
N LYS A 175 13.72 -0.54 8.35
CA LYS A 175 12.76 0.50 8.02
C LYS A 175 11.91 0.84 9.25
N MET A 176 11.43 2.07 9.33
CA MET A 176 10.71 2.54 10.52
C MET A 176 9.22 2.20 10.44
N LYS A 177 8.92 0.91 10.28
CA LYS A 177 7.51 0.53 10.28
C LYS A 177 7.04 0.10 11.67
N THR A 178 7.93 -0.54 12.44
CA THR A 178 7.59 -0.98 13.79
C THR A 178 7.97 0.08 14.82
N ALA A 179 7.21 0.10 15.91
CA ALA A 179 7.51 1.01 17.02
C ALA A 179 8.90 0.74 17.58
N THR A 180 9.24 -0.53 17.74
CA THR A 180 10.54 -0.92 18.30
C THR A 180 11.69 -0.32 17.51
N ASN A 181 11.62 -0.34 16.17
CA ASN A 181 12.73 0.16 15.37
C ASN A 181 12.95 1.65 15.55
N ILE A 182 11.89 2.42 15.82
CA ILE A 182 12.07 3.84 16.08
C ILE A 182 12.78 4.06 17.41
N TYR A 183 12.41 3.27 18.42
CA TYR A 183 13.09 3.36 19.70
C TYR A 183 14.56 2.96 19.58
N ILE A 184 14.83 1.86 18.89
CA ILE A 184 16.22 1.41 18.72
C ILE A 184 17.02 2.44 17.95
N PHE A 185 16.43 3.05 16.92
CA PHE A 185 17.12 4.09 16.15
C PHE A 185 17.45 5.30 17.00
N ASN A 186 16.47 5.82 17.75
CA ASN A 186 16.71 6.98 18.59
C ASN A 186 17.73 6.65 19.67
N LEU A 187 17.64 5.45 20.24
CA LEU A 187 18.61 5.02 21.23
C LEU A 187 20.02 4.98 20.66
N ALA A 188 20.18 4.40 19.48
CA ALA A 188 21.49 4.35 18.84
C ALA A 188 22.02 5.75 18.51
N LEU A 189 21.14 6.65 18.08
CA LEU A 189 21.55 8.02 17.79
C LEU A 189 22.05 8.72 19.04
N ALA A 190 21.26 8.67 20.12
CA ALA A 190 21.68 9.27 21.38
C ALA A 190 22.98 8.65 21.87
N ASP A 191 23.10 7.33 21.77
CA ASP A 191 24.28 6.65 22.30
C ASP A 191 25.54 6.99 21.51
N ALA A 192 25.41 7.12 20.18
CA ALA A 192 26.53 7.59 19.36
C ALA A 192 26.91 9.02 19.71
N LEU A 193 25.92 9.88 19.95
CA LEU A 193 26.24 11.24 20.36
C LEU A 193 27.00 11.24 21.68
N ALA A 194 26.55 10.43 22.64
CA ALA A 194 27.24 10.34 23.92
C ALA A 194 28.68 9.88 23.74
N THR A 195 28.88 8.84 22.94
CA THR A 195 30.23 8.32 22.72
C THR A 195 31.12 9.32 21.96
N SER A 196 30.52 10.25 21.21
CA SER A 196 31.31 11.27 20.53
C SER A 196 32.00 12.26 21.48
N THR A 197 31.61 12.32 22.76
CA THR A 197 32.28 13.22 23.69
C THR A 197 33.55 12.63 24.29
N LEU A 198 33.72 11.30 24.22
CA LEU A 198 34.88 10.67 24.85
C LEU A 198 36.25 11.11 24.36
N PRO A 199 36.51 11.35 23.05
CA PRO A 199 37.85 11.85 22.70
C PRO A 199 38.19 13.17 23.34
N PHE A 200 37.21 14.07 23.50
CA PHE A 200 37.48 15.34 24.16
C PHE A 200 37.86 15.16 25.62
N GLN A 201 37.18 14.24 26.32
CA GLN A 201 37.58 13.94 27.70
C GLN A 201 38.96 13.33 27.77
N SER A 202 39.29 12.45 26.83
CA SER A 202 40.62 11.85 26.81
C SER A 202 41.69 12.91 26.60
N VAL A 203 41.46 13.82 25.66
CA VAL A 203 42.40 14.90 25.40
C VAL A 203 42.55 15.81 26.61
N ASN A 204 41.43 16.15 27.25
CA ASN A 204 41.45 16.98 28.46
C ASN A 204 42.28 16.30 29.54
N TYR A 205 42.12 14.98 29.70
CA TYR A 205 42.94 14.26 30.67
C TYR A 205 44.41 14.27 30.28
N LEU A 206 44.70 14.08 28.99
CA LEU A 206 46.09 13.94 28.57
C LEU A 206 46.88 15.23 28.76
N MET A 207 46.36 16.37 28.29
CA MET A 207 47.11 17.58 28.60
C MET A 207 46.81 18.16 29.97
N GLY A 208 45.77 17.70 30.66
CA GLY A 208 45.35 18.38 31.86
C GLY A 208 44.85 19.79 31.64
N THR A 209 44.43 20.12 30.42
CA THR A 209 43.97 21.45 30.08
C THR A 209 43.00 21.33 28.91
N TRP A 210 42.04 22.27 28.84
CA TRP A 210 41.07 22.28 27.75
C TRP A 210 41.46 23.30 26.68
N PRO A 211 42.01 22.87 25.54
CA PRO A 211 42.46 23.81 24.51
C PRO A 211 41.39 24.25 23.53
N PHE A 212 40.16 23.73 23.62
CA PHE A 212 39.16 23.91 22.57
C PHE A 212 38.31 25.16 22.73
N GLY A 213 38.58 26.01 23.71
CA GLY A 213 37.81 27.23 23.91
C GLY A 213 36.42 27.10 24.49
N THR A 214 35.85 28.24 24.89
CA THR A 214 34.56 28.26 25.57
C THR A 214 33.43 27.75 24.68
N ILE A 215 33.49 28.00 23.37
CA ILE A 215 32.45 27.51 22.47
C ILE A 215 32.29 25.99 22.62
N LEU A 216 33.36 25.26 22.30
CA LEU A 216 33.34 23.82 22.42
C LEU A 216 33.07 23.39 23.86
N CYS A 217 33.66 24.07 24.84
CA CYS A 217 33.39 23.74 26.24
C CYS A 217 31.89 23.66 26.50
N LYS A 218 31.18 24.76 26.23
CA LYS A 218 29.73 24.82 26.35
C LYS A 218 29.06 23.67 25.63
N ILE A 219 29.34 23.54 24.33
CA ILE A 219 28.64 22.56 23.51
C ILE A 219 28.87 21.15 24.04
N VAL A 220 30.13 20.78 24.26
CA VAL A 220 30.50 19.45 24.72
C VAL A 220 29.79 19.12 26.03
N ILE A 221 29.85 20.01 27.02
CA ILE A 221 29.22 19.72 28.30
C ILE A 221 27.72 19.50 28.13
N SER A 222 27.07 20.38 27.36
CA SER A 222 25.63 20.24 27.15
C SER A 222 25.31 18.93 26.45
N ILE A 223 26.07 18.60 25.40
CA ILE A 223 25.87 17.35 24.68
C ILE A 223 26.02 16.15 25.60
N ASP A 224 27.03 16.18 26.47
CA ASP A 224 27.25 15.05 27.36
C ASP A 224 26.06 14.82 28.29
N TYR A 225 25.56 15.89 28.91
CA TYR A 225 24.40 15.71 29.80
C TYR A 225 23.15 15.32 29.03
N TYR A 226 22.94 15.96 27.87
CA TYR A 226 21.79 15.66 27.02
C TYR A 226 21.78 14.21 26.59
N ASN A 227 22.93 13.71 26.15
CA ASN A 227 23.05 12.30 25.76
C ASN A 227 22.79 11.37 26.93
N MET A 228 23.40 11.64 28.10
CA MET A 228 23.15 10.78 29.25
C MET A 228 21.65 10.61 29.48
N PHE A 229 20.93 11.73 29.48
CA PHE A 229 19.50 11.64 29.78
C PHE A 229 18.74 10.97 28.65
N THR A 230 19.05 11.30 27.39
CA THR A 230 18.28 10.73 26.30
C THR A 230 18.48 9.23 26.19
N SER A 231 19.72 8.75 26.33
CA SER A 231 19.97 7.31 26.30
C SER A 231 19.27 6.59 27.45
N ILE A 232 19.41 7.11 28.67
CA ILE A 232 18.82 6.43 29.81
C ILE A 232 17.31 6.38 29.70
N TRP A 233 16.69 7.51 29.35
CA TRP A 233 15.25 7.56 29.28
C TRP A 233 14.71 6.87 28.05
N THR A 234 15.52 6.70 27.00
CA THR A 234 15.12 5.85 25.88
C THR A 234 15.05 4.39 26.32
N LEU A 235 16.03 3.95 27.12
CA LEU A 235 15.94 2.59 27.67
C LEU A 235 14.71 2.42 28.54
N CYS A 236 14.40 3.42 29.37
CA CYS A 236 13.20 3.39 30.19
C CYS A 236 11.94 3.31 29.33
N THR A 237 11.84 4.16 28.31
CA THR A 237 10.70 4.14 27.40
C THR A 237 10.54 2.77 26.73
N MET A 238 11.65 2.18 26.27
CA MET A 238 11.57 0.85 25.67
C MET A 238 11.08 -0.19 26.66
N SER A 239 11.52 -0.10 27.92
CA SER A 239 11.04 -1.05 28.92
C SER A 239 9.54 -0.90 29.16
N VAL A 240 9.06 0.34 29.22
CA VAL A 240 7.63 0.56 29.38
C VAL A 240 6.86 0.05 28.18
N ASP A 241 7.38 0.33 26.97
CA ASP A 241 6.75 -0.18 25.75
C ASP A 241 6.63 -1.70 25.76
N ARG A 242 7.69 -2.41 26.16
CA ARG A 242 7.61 -3.87 26.19
C ARG A 242 6.66 -4.37 27.26
N TYR A 243 6.69 -3.75 28.45
CA TYR A 243 5.73 -4.10 29.49
C TYR A 243 4.29 -3.94 29.00
N ILE A 244 4.00 -2.81 28.36
CA ILE A 244 2.64 -2.60 27.83
C ILE A 244 2.31 -3.64 26.76
N ALA A 245 3.26 -3.91 25.86
CA ALA A 245 3.03 -4.89 24.80
C ALA A 245 2.65 -6.25 25.36
N VAL A 246 3.24 -6.63 26.49
CA VAL A 246 2.98 -7.98 27.01
C VAL A 246 1.80 -8.00 27.98
N CYS A 247 1.69 -7.02 28.87
CA CYS A 247 0.69 -7.07 29.92
C CYS A 247 -0.66 -6.46 29.53
N HIS A 248 -0.70 -5.56 28.55
CA HIS A 248 -1.92 -4.84 28.19
C HIS A 248 -2.12 -4.87 26.67
N PRO A 249 -2.27 -6.05 26.08
CA PRO A 249 -2.23 -6.15 24.61
C PRO A 249 -3.33 -5.38 23.89
N VAL A 250 -4.52 -5.29 24.48
CA VAL A 250 -5.61 -4.54 23.85
C VAL A 250 -5.28 -3.06 23.81
N LYS A 251 -4.88 -2.50 24.95
CA LYS A 251 -4.43 -1.11 24.97
C LYS A 251 -3.14 -0.94 24.17
N ALA A 252 -2.30 -1.98 24.13
CA ALA A 252 -1.09 -1.93 23.34
C ALA A 252 -1.39 -1.78 21.86
N LEU A 253 -2.55 -2.27 21.41
CA LEU A 253 -2.91 -2.12 20.01
C LEU A 253 -3.01 -0.65 19.63
N ASP A 254 -3.62 0.17 20.48
CA ASP A 254 -3.77 1.59 20.17
C ASP A 254 -2.53 2.40 20.54
N PHE A 255 -1.86 2.03 21.63
CA PHE A 255 -0.73 2.83 22.12
C PHE A 255 0.53 2.65 21.28
N ARG A 256 0.82 1.43 20.85
CA ARG A 256 2.14 1.10 20.31
C ARG A 256 2.26 1.37 18.81
N THR A 257 1.60 2.39 18.29
CA THR A 257 1.74 2.72 16.88
C THR A 257 3.05 3.46 16.64
N PRO A 258 3.63 3.33 15.44
CA PRO A 258 4.87 4.07 15.14
C PRO A 258 4.74 5.57 15.31
N ARG A 259 3.57 6.14 15.02
CA ARG A 259 3.37 7.57 15.23
C ARG A 259 3.54 7.92 16.70
N ASN A 260 2.92 7.15 17.58
CA ASN A 260 3.05 7.37 19.02
C ASN A 260 4.49 7.19 19.48
N ALA A 261 5.18 6.18 18.92
CA ALA A 261 6.59 5.99 19.27
C ALA A 261 7.44 7.19 18.90
N LYS A 262 7.24 7.75 17.71
CA LYS A 262 7.95 8.96 17.33
C LYS A 262 7.62 10.12 18.26
N ILE A 263 6.34 10.28 18.59
CA ILE A 263 5.92 11.36 19.48
C ILE A 263 6.59 11.22 20.85
N ILE A 264 6.58 10.01 21.40
CA ILE A 264 7.19 9.77 22.71
C ILE A 264 8.69 10.03 22.67
N ASN A 265 9.36 9.60 21.59
CA ASN A 265 10.79 9.85 21.46
C ASN A 265 11.09 11.35 21.42
N VAL A 266 10.32 12.10 20.62
CA VAL A 266 10.48 13.55 20.57
C VAL A 266 10.25 14.18 21.93
N CYS A 267 9.23 13.70 22.65
CA CYS A 267 8.97 14.19 24.00
C CYS A 267 10.16 13.95 24.91
N ASN A 268 10.78 12.78 24.80
CA ASN A 268 11.97 12.49 25.60
C ASN A 268 13.08 13.48 25.25
N TRP A 269 13.21 13.83 23.97
CA TRP A 269 14.21 14.82 23.56
C TRP A 269 13.95 16.19 24.18
N ILE A 270 12.68 16.63 24.22
CA ILE A 270 12.36 17.92 24.84
C ILE A 270 12.66 17.90 26.34
N LEU A 271 12.23 16.86 27.07
CA LEU A 271 12.53 16.83 28.50
C LEU A 271 14.02 16.80 28.75
N SER A 272 14.78 16.05 27.95
CA SER A 272 16.22 16.06 28.12
C SER A 272 16.81 17.43 27.82
N SER A 273 16.23 18.17 26.86
CA SER A 273 16.69 19.53 26.59
C SER A 273 16.43 20.45 27.77
N ALA A 274 15.39 20.15 28.54
CA ALA A 274 15.08 20.95 29.73
C ALA A 274 16.23 20.97 30.73
N ILE A 275 17.14 20.01 30.67
CA ILE A 275 18.33 19.99 31.50
C ILE A 275 19.57 20.34 30.68
N GLY A 276 19.64 19.86 29.44
CA GLY A 276 20.81 20.13 28.62
C GLY A 276 21.06 21.61 28.39
N LEU A 277 19.99 22.40 28.21
CA LEU A 277 20.16 23.83 28.00
C LEU A 277 20.68 24.55 29.25
N PRO A 278 20.10 24.38 30.44
CA PRO A 278 20.70 24.98 31.64
C PRO A 278 22.17 24.61 31.83
N VAL A 279 22.52 23.35 31.60
CA VAL A 279 23.93 22.95 31.69
C VAL A 279 24.77 23.74 30.70
N MET A 280 24.27 23.94 29.48
CA MET A 280 25.00 24.74 28.50
C MET A 280 25.20 26.17 28.98
N PHE A 281 24.17 26.77 29.59
CA PHE A 281 24.30 28.14 30.06
C PHE A 281 25.27 28.23 31.24
N MET A 282 25.20 27.28 32.17
CA MET A 282 26.08 27.32 33.34
C MET A 282 27.52 26.95 33.00
N ALA A 283 27.74 26.19 31.93
CA ALA A 283 29.09 25.80 31.55
C ALA A 283 29.89 27.00 31.08
N THR A 284 31.13 27.11 31.59
CA THR A 284 32.04 28.19 31.24
C THR A 284 33.47 27.68 31.45
N THR A 285 34.43 28.49 31.01
CA THR A 285 35.84 28.23 31.24
C THR A 285 36.32 29.08 32.40
N LYS A 286 37.02 28.46 33.34
CA LYS A 286 37.63 29.16 34.47
C LYS A 286 39.13 28.87 34.49
N TYR A 287 39.92 29.85 34.90
CA TYR A 287 41.34 29.63 35.05
C TYR A 287 41.59 28.79 36.30
N ARG A 288 42.15 27.61 36.10
CA ARG A 288 42.49 26.68 37.16
C ARG A 288 43.89 27.01 37.70
N GLN A 289 44.31 26.30 38.74
CA GLN A 289 45.68 26.40 39.21
C GLN A 289 46.68 26.16 38.07
N GLY A 290 46.47 25.10 37.29
CA GLY A 290 47.39 24.87 36.19
C GLY A 290 47.26 25.84 35.03
N SER A 291 46.30 25.61 34.12
CA SER A 291 46.17 26.56 33.02
C SER A 291 44.76 27.11 32.84
N ILE A 292 43.82 26.21 32.52
CA ILE A 292 42.40 26.54 32.32
C ILE A 292 41.61 25.25 32.44
N ASP A 293 40.36 25.37 32.91
CA ASP A 293 39.50 24.22 33.17
C ASP A 293 38.10 24.53 32.65
N CYS A 294 37.65 23.70 31.72
CA CYS A 294 36.26 23.60 31.27
C CYS A 294 35.48 22.83 32.33
N THR A 295 34.72 23.55 33.16
CA THR A 295 33.87 22.90 34.16
C THR A 295 32.56 23.65 34.27
N LEU A 296 31.75 23.28 35.27
CA LEU A 296 30.50 23.94 35.59
C LEU A 296 30.67 24.92 36.74
N THR A 297 29.98 26.05 36.65
CA THR A 297 29.98 27.08 37.67
C THR A 297 28.61 27.14 38.33
N PHE A 298 28.56 27.72 39.53
CA PHE A 298 27.32 27.78 40.28
C PHE A 298 27.18 29.14 40.95
N SER A 299 25.94 29.62 41.03
CA SER A 299 25.63 30.81 41.81
C SER A 299 25.89 30.55 43.29
N HIS A 300 26.14 31.63 44.03
CA HIS A 300 26.22 31.52 45.48
C HIS A 300 24.84 31.22 46.07
N PRO A 301 24.77 30.30 47.04
CA PRO A 301 25.85 29.47 47.56
C PRO A 301 26.21 28.34 46.58
N THR A 302 27.48 28.25 46.19
CA THR A 302 27.88 27.28 45.17
C THR A 302 27.60 25.85 45.62
N TRP A 303 27.91 25.53 46.88
CA TRP A 303 27.69 24.17 47.36
C TRP A 303 26.23 23.75 47.22
N TYR A 304 25.31 24.69 47.41
CA TYR A 304 23.89 24.36 47.33
C TYR A 304 23.49 23.93 45.92
N TRP A 305 23.82 24.76 44.93
CA TRP A 305 23.45 24.42 43.55
C TRP A 305 24.21 23.20 43.05
N GLU A 306 25.47 23.04 43.47
CA GLU A 306 26.23 21.86 43.06
C GLU A 306 25.62 20.58 43.61
N ASN A 307 25.29 20.58 44.91
CA ASN A 307 24.67 19.39 45.49
C ASN A 307 23.28 19.15 44.90
N LEU A 308 22.54 20.23 44.63
CA LEU A 308 21.24 20.08 43.97
C LEU A 308 21.38 19.40 42.62
N LEU A 309 22.31 19.86 41.79
CA LEU A 309 22.53 19.25 40.48
C LEU A 309 22.93 17.79 40.62
N LYS A 310 23.88 17.50 41.51
CA LYS A 310 24.31 16.10 41.70
C LYS A 310 23.15 15.22 42.14
N ILE A 311 22.35 15.69 43.11
CA ILE A 311 21.23 14.91 43.62
C ILE A 311 20.18 14.70 42.52
N CYS A 312 19.86 15.74 41.78
CA CYS A 312 18.89 15.62 40.69
C CYS A 312 19.36 14.59 39.66
N VAL A 313 20.64 14.67 39.25
CA VAL A 313 21.17 13.71 38.30
C VAL A 313 21.11 12.30 38.85
N PHE A 314 21.52 12.12 40.11
CA PHE A 314 21.49 10.79 40.71
C PHE A 314 20.07 10.22 40.77
N ILE A 315 19.09 11.04 41.15
CA ILE A 315 17.72 10.55 41.26
C ILE A 315 17.15 10.23 39.88
N PHE A 316 17.21 11.20 38.96
CA PHE A 316 16.47 11.06 37.71
C PHE A 316 17.19 10.20 36.68
N ALA A 317 18.52 10.11 36.74
CA ALA A 317 19.25 9.30 35.79
C ALA A 317 19.63 7.93 36.32
N PHE A 318 19.53 7.68 37.62
CA PHE A 318 19.87 6.36 38.15
C PHE A 318 18.72 5.70 38.90
N ILE A 319 18.23 6.29 39.99
CA ILE A 319 17.27 5.60 40.85
C ILE A 319 15.97 5.35 40.11
N MET A 320 15.36 6.41 39.58
CA MET A 320 14.10 6.26 38.85
C MET A 320 14.25 5.36 37.64
N PRO A 321 15.26 5.49 36.78
CA PRO A 321 15.40 4.54 35.66
C PRO A 321 15.55 3.10 36.10
N VAL A 322 16.42 2.83 37.08
CA VAL A 322 16.60 1.46 37.55
C VAL A 322 15.28 0.89 38.07
N LEU A 323 14.55 1.68 38.86
CA LEU A 323 13.28 1.20 39.40
C LEU A 323 12.28 0.91 38.28
N ILE A 324 12.11 1.86 37.36
CA ILE A 324 11.15 1.66 36.27
C ILE A 324 11.51 0.42 35.45
N ILE A 325 12.77 0.31 35.04
CA ILE A 325 13.18 -0.82 34.20
C ILE A 325 12.98 -2.13 34.93
N THR A 326 13.45 -2.23 36.18
CA THR A 326 13.34 -3.49 36.91
C THR A 326 11.88 -3.88 37.13
N VAL A 327 11.03 -2.92 37.51
CA VAL A 327 9.63 -3.24 37.74
C VAL A 327 8.95 -3.67 36.45
N CYS A 328 9.11 -2.88 35.38
CA CYS A 328 8.49 -3.22 34.10
C CYS A 328 8.91 -4.60 33.62
N TYR A 329 10.20 -4.93 33.72
CA TYR A 329 10.66 -6.21 33.19
C TYR A 329 10.28 -7.37 34.10
N GLY A 330 10.31 -7.17 35.42
CA GLY A 330 9.80 -8.18 36.32
C GLY A 330 8.34 -8.53 36.04
N LEU A 331 7.50 -7.49 35.91
CA LEU A 331 6.10 -7.72 35.60
C LEU A 331 5.94 -8.41 34.25
N MET A 332 6.74 -8.01 33.26
CA MET A 332 6.66 -8.64 31.95
C MET A 332 7.00 -10.13 32.03
N ILE A 333 8.05 -10.48 32.77
CA ILE A 333 8.42 -11.89 32.93
C ILE A 333 7.33 -12.65 33.67
N LEU A 334 6.78 -12.06 34.73
CA LEU A 334 5.71 -12.74 35.47
C LEU A 334 4.50 -13.01 34.58
N ARG A 335 4.10 -12.03 33.77
CA ARG A 335 3.00 -12.25 32.85
C ARG A 335 3.34 -13.33 31.82
N LEU A 336 4.58 -13.30 31.30
CA LEU A 336 4.98 -14.27 30.28
C LEU A 336 5.01 -15.69 30.83
N LYS A 337 5.29 -15.86 32.12
CA LYS A 337 5.25 -17.19 32.72
C LYS A 337 3.89 -17.87 32.60
N SER A 338 2.82 -17.11 32.39
CA SER A 338 1.47 -17.64 32.35
C SER A 338 0.85 -17.48 30.96
N VAL A 339 1.63 -17.76 29.92
CA VAL A 339 1.16 -17.71 28.54
C VAL A 339 1.25 -19.12 27.96
N ARG A 340 0.18 -19.56 27.31
CA ARG A 340 0.10 -20.93 26.83
C ARG A 340 1.13 -21.26 25.77
N MET A 341 1.78 -20.26 25.18
CA MET A 341 2.80 -20.52 24.17
C MET A 341 4.17 -20.75 24.80
N LEU A 342 4.29 -20.62 26.12
CA LEU A 342 5.59 -20.80 26.77
C LEU A 342 5.47 -21.61 28.06
N SER A 343 4.45 -22.44 28.19
CA SER A 343 4.24 -23.24 29.41
C SER A 343 3.79 -24.65 29.05
N GLY A 344 4.42 -25.24 28.03
CA GLY A 344 4.04 -26.57 27.59
C GLY A 344 5.22 -27.49 27.33
N SER A 345 5.71 -27.45 26.10
CA SER A 345 6.79 -28.30 25.63
C SER A 345 8.14 -27.79 26.12
N LYS A 346 9.16 -28.63 25.98
CA LYS A 346 10.49 -28.24 26.42
C LYS A 346 11.10 -27.18 25.54
N GLU A 347 10.74 -27.15 24.25
CA GLU A 347 11.22 -26.08 23.38
C GLU A 347 10.58 -24.75 23.75
N LYS A 348 9.30 -24.78 24.13
CA LYS A 348 8.63 -23.56 24.57
C LYS A 348 9.19 -23.09 25.90
N ASP A 349 9.52 -24.03 26.79
CA ASP A 349 10.18 -23.66 28.04
C ASP A 349 11.56 -23.06 27.78
N ARG A 350 12.28 -23.60 26.78
CA ARG A 350 13.56 -23.01 26.40
C ARG A 350 13.38 -21.59 25.88
N ASN A 351 12.32 -21.35 25.11
CA ASN A 351 12.03 -20.00 24.63
C ASN A 351 11.75 -19.06 25.79
N LEU A 352 10.98 -19.51 26.78
CA LEU A 352 10.73 -18.67 27.95
C LEU A 352 12.02 -18.39 28.70
N ARG A 353 12.89 -19.40 28.82
CA ARG A 353 14.17 -19.22 29.50
C ARG A 353 15.04 -18.19 28.79
N ARG A 354 15.10 -18.25 27.45
CA ARG A 354 15.94 -17.29 26.74
C ARG A 354 15.37 -15.87 26.83
N ILE A 355 14.04 -15.73 26.83
CA ILE A 355 13.46 -14.40 27.01
C ILE A 355 13.81 -13.85 28.41
N THR A 356 13.62 -14.68 29.44
CA THR A 356 13.97 -14.26 30.80
C THR A 356 15.45 -13.89 30.90
N ARG A 357 16.32 -14.69 30.28
CA ARG A 357 17.74 -14.36 30.28
C ARG A 357 18.02 -13.04 29.61
N MET A 358 17.38 -12.78 28.46
CA MET A 358 17.51 -11.48 27.80
C MET A 358 17.19 -10.33 28.74
N VAL A 359 16.05 -10.44 29.42
CA VAL A 359 15.63 -9.36 30.33
C VAL A 359 16.65 -9.18 31.46
N LEU A 360 17.01 -10.28 32.11
CA LEU A 360 17.96 -10.21 33.22
C LEU A 360 19.29 -9.64 32.78
N VAL A 361 19.75 -10.00 31.58
CA VAL A 361 21.04 -9.49 31.08
C VAL A 361 20.96 -7.99 30.84
N VAL A 362 19.88 -7.51 30.21
CA VAL A 362 19.76 -6.07 29.96
C VAL A 362 19.77 -5.30 31.28
N VAL A 363 19.00 -5.79 32.27
CA VAL A 363 18.95 -5.09 33.56
C VAL A 363 20.30 -5.11 34.25
N ALA A 364 20.95 -6.28 34.28
CA ALA A 364 22.25 -6.41 34.94
C ALA A 364 23.30 -5.52 34.28
N VAL A 365 23.32 -5.47 32.94
CA VAL A 365 24.27 -4.61 32.25
C VAL A 365 24.05 -3.15 32.61
N PHE A 366 22.78 -2.72 32.61
CA PHE A 366 22.50 -1.32 32.97
C PHE A 366 22.99 -1.01 34.37
N ILE A 367 22.65 -1.86 35.34
CA ILE A 367 23.04 -1.61 36.72
C ILE A 367 24.56 -1.60 36.87
N VAL A 368 25.22 -2.65 36.37
CA VAL A 368 26.67 -2.76 36.52
C VAL A 368 27.38 -1.58 35.87
N CYS A 369 26.89 -1.13 34.71
CA CYS A 369 27.54 -0.03 34.02
C CYS A 369 27.34 1.29 34.75
N TRP A 370 26.14 1.56 35.27
CA TRP A 370 25.86 2.91 35.76
C TRP A 370 26.06 3.10 37.25
N THR A 371 25.86 2.06 38.07
CA THR A 371 25.96 2.21 39.52
C THR A 371 27.31 2.71 40.02
N PRO A 372 28.47 2.20 39.54
CA PRO A 372 29.74 2.62 40.16
C PRO A 372 30.05 4.10 40.03
N ILE A 373 29.80 4.72 38.87
CA ILE A 373 30.10 6.14 38.73
C ILE A 373 29.22 6.98 39.64
N HIS A 374 27.96 6.61 39.80
CA HIS A 374 27.07 7.35 40.69
C HIS A 374 27.51 7.18 42.14
N ILE A 375 27.88 5.97 42.55
CA ILE A 375 28.39 5.75 43.90
C ILE A 375 29.62 6.60 44.14
N TYR A 376 30.56 6.60 43.19
CA TYR A 376 31.78 7.38 43.33
C TYR A 376 31.49 8.87 43.46
N VAL A 377 30.57 9.38 42.62
CA VAL A 377 30.22 10.79 42.69
C VAL A 377 29.63 11.13 44.05
N ILE A 378 28.76 10.25 44.58
CA ILE A 378 28.18 10.50 45.90
C ILE A 378 29.26 10.51 46.97
N ILE A 379 30.17 9.54 46.94
CA ILE A 379 31.23 9.47 47.93
C ILE A 379 32.11 10.71 47.89
N LYS A 380 32.53 11.11 46.68
CA LYS A 380 33.36 12.31 46.56
C LYS A 380 32.60 13.59 46.89
N ALA A 381 31.27 13.59 46.80
CA ALA A 381 30.49 14.75 47.23
C ALA A 381 30.31 14.79 48.74
N LEU A 382 30.29 13.64 49.39
CA LEU A 382 30.05 13.56 50.83
C LEU A 382 31.33 13.54 51.64
N VAL A 383 32.42 13.03 51.08
CA VAL A 383 33.66 12.82 51.83
C VAL A 383 34.82 13.33 50.99
N THR A 384 35.68 14.14 51.60
CA THR A 384 36.95 14.50 50.99
C THR A 384 37.91 13.32 51.08
N ILE A 385 38.15 12.67 49.97
CA ILE A 385 39.07 11.52 49.91
C ILE A 385 40.39 12.01 49.32
N PRO A 386 41.53 11.66 49.93
CA PRO A 386 42.82 12.09 49.38
C PRO A 386 43.06 11.53 47.98
N GLU A 387 43.78 12.30 47.17
CA GLU A 387 44.02 11.96 45.79
C GLU A 387 45.24 11.04 45.68
N THR A 388 45.13 10.04 44.82
CA THR A 388 46.22 9.11 44.57
C THR A 388 46.14 8.69 43.11
N THR A 389 47.26 8.20 42.57
CA THR A 389 47.23 7.59 41.24
C THR A 389 46.14 6.53 41.16
N PHE A 390 45.98 5.74 42.23
CA PHE A 390 44.93 4.73 42.27
C PHE A 390 43.56 5.38 42.19
N GLN A 391 43.37 6.50 42.90
CA GLN A 391 42.09 7.20 42.83
C GLN A 391 41.82 7.73 41.44
N THR A 392 42.82 8.30 40.79
CA THR A 392 42.65 8.79 39.42
C THR A 392 42.27 7.67 38.46
N VAL A 393 43.01 6.55 38.49
CA VAL A 393 42.70 5.45 37.57
C VAL A 393 41.32 4.88 37.87
N SER A 394 40.98 4.71 39.15
CA SER A 394 39.66 4.18 39.50
C SER A 394 38.54 5.11 39.03
N TRP A 395 38.72 6.42 39.20
CA TRP A 395 37.74 7.38 38.73
C TRP A 395 37.54 7.30 37.22
N HIS A 396 38.65 7.34 36.46
CA HIS A 396 38.51 7.28 35.02
C HIS A 396 37.97 5.93 34.55
N PHE A 397 38.29 4.85 35.27
CA PHE A 397 37.69 3.56 34.98
C PHE A 397 36.19 3.58 35.22
N CYS A 398 35.73 4.21 36.31
CA CYS A 398 34.30 4.31 36.57
C CYS A 398 33.60 5.09 35.46
N ILE A 399 34.21 6.17 34.97
CA ILE A 399 33.63 6.91 33.85
C ILE A 399 33.55 6.03 32.61
N ALA A 400 34.67 5.39 32.26
CA ALA A 400 34.69 4.48 31.11
C ALA A 400 33.66 3.37 31.27
N LEU A 401 33.48 2.85 32.49
CA LEU A 401 32.50 1.81 32.73
C LEU A 401 31.08 2.32 32.56
N GLY A 402 30.84 3.57 32.93
CA GLY A 402 29.55 4.19 32.61
C GLY A 402 29.31 4.20 31.11
N TYR A 403 30.30 4.67 30.35
CA TYR A 403 30.21 4.64 28.89
C TYR A 403 30.15 3.22 28.33
N THR A 404 30.61 2.22 29.07
CA THR A 404 30.49 0.84 28.62
C THR A 404 29.04 0.44 28.42
N ASN A 405 28.11 1.07 29.16
CA ASN A 405 26.70 0.90 28.83
C ASN A 405 26.45 1.36 27.40
N SER A 406 27.00 2.51 27.03
CA SER A 406 26.85 3.02 25.67
C SER A 406 27.50 2.11 24.65
N CYS A 407 28.49 1.34 25.06
CA CYS A 407 29.15 0.42 24.13
C CYS A 407 28.46 -0.93 24.00
N LEU A 408 27.86 -1.44 25.09
CA LEU A 408 27.17 -2.71 25.07
C LEU A 408 25.73 -2.58 24.57
N ASN A 409 25.13 -1.40 24.70
CA ASN A 409 23.75 -1.19 24.30
C ASN A 409 23.43 -1.55 22.84
N PRO A 410 24.14 -1.04 21.83
CA PRO A 410 23.83 -1.50 20.47
C PRO A 410 24.01 -2.99 20.25
N VAL A 411 25.07 -3.59 20.82
CA VAL A 411 25.27 -5.03 20.67
C VAL A 411 24.12 -5.80 21.29
N LEU A 412 23.77 -5.49 22.54
CA LEU A 412 22.69 -6.22 23.19
C LEU A 412 21.35 -6.07 22.48
N TYR A 413 20.93 -4.83 22.19
CA TYR A 413 19.60 -4.69 21.59
C TYR A 413 19.56 -4.97 20.09
N ALA A 414 20.45 -4.34 19.32
CA ALA A 414 20.42 -4.48 17.86
C ALA A 414 20.95 -5.83 17.38
N PHE A 415 22.06 -6.32 17.95
CA PHE A 415 22.69 -7.52 17.42
C PHE A 415 22.04 -8.80 17.94
N LEU A 416 21.44 -8.76 19.12
CA LEU A 416 20.93 -9.96 19.75
C LEU A 416 19.41 -10.02 19.65
N ASP A 417 18.85 -9.29 18.68
CA ASP A 417 17.43 -9.21 18.42
C ASP A 417 17.03 -10.17 17.32
N GLU A 418 16.06 -11.03 17.62
CA GLU A 418 15.60 -12.00 16.62
C GLU A 418 15.06 -11.31 15.38
N ASN A 419 14.45 -10.14 15.55
CA ASN A 419 13.91 -9.41 14.40
C ASN A 419 15.03 -8.97 13.47
N PHE A 420 16.17 -8.55 14.04
CA PHE A 420 17.33 -8.19 13.24
C PHE A 420 17.97 -9.40 12.57
N LYS A 421 17.74 -10.61 13.10
CA LYS A 421 18.28 -11.82 12.49
C LYS A 421 17.35 -12.31 11.37
N ARG A 422 17.40 -11.58 10.26
CA ARG A 422 16.66 -11.96 9.05
C ARG A 422 17.15 -11.11 7.89
N TYR B 1 30.03 10.84 32.20
CA TYR B 1 29.61 11.72 33.29
C TYR B 1 30.62 11.64 34.43
N DAL B 2 30.92 12.80 35.01
CA DAL B 2 31.91 12.86 36.08
CB DAL B 2 31.36 13.62 37.27
C DAL B 2 33.15 13.57 35.53
O DAL B 2 33.97 14.09 36.29
N GLY B 3 33.27 13.58 34.21
CA GLY B 3 34.34 14.32 33.55
C GLY B 3 34.21 15.81 33.76
C1 MEA B 4 36.42 16.02 32.73
N MEA B 4 35.25 16.56 33.38
CA MEA B 4 35.26 18.01 33.51
C MEA B 4 35.03 18.44 34.96
O MEA B 4 34.06 19.14 35.26
CB MEA B 4 34.20 18.65 32.61
CG MEA B 4 33.94 17.94 31.31
CD1 MEA B 4 34.81 18.07 30.23
CE1 MEA B 4 34.56 17.41 29.03
CZ MEA B 4 33.43 16.61 28.90
CE2 MEA B 4 32.55 16.48 29.97
CD2 MEA B 4 32.82 17.14 31.16
CA ETA B 5 35.82 18.35 37.25
N ETA B 5 35.92 18.01 35.84
C ETA B 5 34.83 17.43 38.01
O ETA B 5 35.39 16.08 38.01
N LEU C 5 8.93 25.18 -11.87
CA LEU C 5 8.63 23.85 -11.38
C LEU C 5 7.39 23.87 -10.49
N SER C 6 6.47 22.93 -10.72
CA SER C 6 5.27 22.75 -9.91
C SER C 6 4.42 24.03 -9.91
N ALA C 7 3.85 24.32 -11.07
CA ALA C 7 2.96 25.47 -11.17
C ALA C 7 1.59 25.16 -10.61
N GLU C 8 0.88 24.21 -11.23
CA GLU C 8 -0.37 23.68 -10.71
C GLU C 8 -0.18 22.29 -10.11
N ASP C 9 1.01 21.71 -10.28
CA ASP C 9 1.32 20.45 -9.62
C ASP C 9 1.42 20.61 -8.11
N LYS C 10 1.57 21.85 -7.63
CA LYS C 10 1.63 22.09 -6.19
C LYS C 10 0.32 21.70 -5.52
N ALA C 11 -0.81 22.04 -6.15
CA ALA C 11 -2.09 21.62 -5.63
C ALA C 11 -2.33 20.13 -5.86
N ALA C 12 -1.70 19.56 -6.89
CA ALA C 12 -1.80 18.12 -7.10
C ALA C 12 -0.96 17.37 -6.09
N VAL C 13 0.26 17.86 -5.81
CA VAL C 13 1.11 17.23 -4.80
C VAL C 13 0.47 17.38 -3.42
N GLU C 14 -0.16 18.52 -3.16
CA GLU C 14 -0.89 18.70 -1.91
C GLU C 14 -2.05 17.72 -1.79
N ARG C 15 -2.77 17.49 -2.89
CA ARG C 15 -3.86 16.52 -2.88
C ARG C 15 -3.33 15.11 -2.65
N SER C 16 -2.17 14.79 -3.23
CA SER C 16 -1.59 13.47 -3.01
C SER C 16 -1.26 13.25 -1.54
N LYS C 17 -0.74 14.28 -0.86
CA LYS C 17 -0.44 14.12 0.56
C LYS C 17 -1.69 14.07 1.41
N MET C 18 -2.75 14.77 1.00
CA MET C 18 -3.97 14.77 1.80
C MET C 18 -4.66 13.42 1.77
N ILE C 19 -4.61 12.72 0.64
CA ILE C 19 -5.15 11.37 0.58
C ILE C 19 -4.13 10.32 1.00
N ASP C 20 -2.83 10.63 0.95
CA ASP C 20 -1.83 9.74 1.53
C ASP C 20 -1.89 9.74 3.05
N ARG C 21 -2.43 10.79 3.66
CA ARG C 21 -2.60 10.76 5.11
C ARG C 21 -3.81 9.92 5.50
N ASN C 22 -4.84 9.91 4.66
CA ASN C 22 -6.03 9.11 4.95
C ASN C 22 -5.76 7.63 4.73
N LEU C 23 -4.82 7.30 3.85
CA LEU C 23 -4.39 5.91 3.74
C LEU C 23 -3.71 5.46 5.02
N ARG C 24 -2.86 6.30 5.59
CA ARG C 24 -2.18 5.98 6.83
C ARG C 24 -3.18 5.81 7.97
N GLU C 25 -4.17 6.71 8.05
CA GLU C 25 -5.14 6.67 9.14
C GLU C 25 -6.11 5.52 8.97
N ASP C 26 -6.35 5.07 7.73
CA ASP C 26 -7.21 3.91 7.52
C ASP C 26 -6.47 2.60 7.75
N GLY C 27 -5.14 2.61 7.61
CA GLY C 27 -4.35 1.45 7.95
C GLY C 27 -4.12 1.30 9.43
N GLU C 28 -4.21 2.40 10.18
CA GLU C 28 -4.12 2.31 11.63
C GLU C 28 -5.32 1.62 12.23
N LYS C 29 -6.52 1.88 11.68
CA LYS C 29 -7.70 1.13 12.10
C LYS C 29 -7.54 -0.35 11.78
N ALA C 30 -7.10 -0.66 10.56
CA ALA C 30 -6.96 -2.04 10.14
C ALA C 30 -5.92 -2.78 10.97
N ALA C 31 -4.87 -2.08 11.41
CA ALA C 31 -3.83 -2.71 12.21
C ALA C 31 -4.33 -3.12 13.59
N LYS C 32 -5.43 -2.54 14.06
CA LYS C 32 -6.02 -2.93 15.32
C LYS C 32 -7.02 -4.07 15.16
N GLU C 33 -7.35 -4.43 13.92
CA GLU C 33 -8.34 -5.46 13.64
C GLU C 33 -7.81 -6.84 13.97
N VAL C 34 -8.66 -7.66 14.57
CA VAL C 34 -8.41 -9.09 14.74
C VAL C 34 -9.11 -9.81 13.59
N LYS C 35 -8.33 -10.46 12.73
CA LYS C 35 -8.86 -11.11 11.54
C LYS C 35 -9.04 -12.59 11.85
N LEU C 36 -10.26 -13.09 11.69
CA LEU C 36 -10.60 -14.47 11.98
C LEU C 36 -11.09 -15.15 10.71
N LEU C 37 -10.54 -16.32 10.41
CA LEU C 37 -10.96 -17.12 9.26
C LEU C 37 -11.77 -18.31 9.78
N LEU C 38 -13.05 -18.35 9.45
CA LEU C 38 -13.92 -19.44 9.86
C LEU C 38 -13.88 -20.53 8.80
N LEU C 39 -13.55 -21.74 9.21
CA LEU C 39 -13.50 -22.89 8.30
C LEU C 39 -14.29 -24.04 8.88
N GLY C 40 -14.52 -25.05 8.05
CA GLY C 40 -15.22 -26.26 8.47
C GLY C 40 -16.13 -26.81 7.39
N ALA C 41 -16.22 -28.14 7.31
CA ALA C 41 -17.21 -28.78 6.46
C ALA C 41 -18.60 -28.22 6.73
N GLY C 42 -19.42 -28.14 5.68
CA GLY C 42 -20.82 -27.82 5.80
C GLY C 42 -21.54 -28.52 6.93
N GLU C 43 -22.40 -27.78 7.65
CA GLU C 43 -23.20 -28.28 8.76
C GLU C 43 -22.37 -28.68 9.98
N SER C 44 -21.10 -28.29 10.03
CA SER C 44 -20.26 -28.58 11.19
C SER C 44 -20.61 -27.72 12.40
N GLY C 45 -21.44 -26.69 12.23
CA GLY C 45 -21.85 -25.85 13.32
C GLY C 45 -21.38 -24.43 13.15
N LYS C 46 -20.97 -24.10 11.91
CA LYS C 46 -20.40 -22.79 11.63
C LYS C 46 -21.44 -21.69 11.83
N SER C 47 -22.62 -21.86 11.24
CA SER C 47 -23.66 -20.85 11.35
C SER C 47 -24.20 -20.69 12.77
N THR C 48 -24.10 -21.73 13.60
CA THR C 48 -24.47 -21.55 15.01
C THR C 48 -23.46 -20.65 15.71
N ILE C 49 -22.17 -20.84 15.41
CA ILE C 49 -21.13 -19.96 15.94
C ILE C 49 -21.33 -18.53 15.47
N VAL C 50 -21.73 -18.36 14.20
CA VAL C 50 -21.97 -17.01 13.68
C VAL C 50 -23.07 -16.32 14.47
N LYS C 51 -24.17 -17.04 14.72
CA LYS C 51 -25.23 -16.50 15.57
C LYS C 51 -24.70 -16.17 16.96
N GLN C 52 -23.81 -17.01 17.49
CA GLN C 52 -23.27 -16.80 18.83
C GLN C 52 -22.41 -15.55 18.89
N MET C 53 -21.64 -15.26 17.84
CA MET C 53 -20.79 -14.08 17.82
C MET C 53 -21.54 -12.84 17.34
N LYS C 54 -22.84 -12.94 17.13
CA LYS C 54 -23.70 -11.84 16.74
C LYS C 54 -24.65 -11.52 17.91
N ILE C 55 -25.59 -10.61 17.66
CA ILE C 55 -26.59 -10.22 18.65
C ILE C 55 -27.18 -11.41 19.40
N THR C 182 -22.41 -15.34 -2.71
CA THR C 182 -21.70 -14.06 -2.72
C THR C 182 -20.37 -14.24 -1.98
N GLY C 183 -19.65 -15.30 -2.33
CA GLY C 183 -18.31 -15.53 -1.83
C GLY C 183 -18.14 -15.34 -0.33
N ILE C 184 -17.34 -14.36 0.06
CA ILE C 184 -16.83 -14.27 1.43
C ILE C 184 -17.86 -13.52 2.26
N VAL C 185 -18.64 -14.26 3.04
CA VAL C 185 -19.55 -13.67 4.01
C VAL C 185 -18.75 -13.22 5.22
N GLU C 186 -19.05 -12.02 5.71
CA GLU C 186 -18.23 -11.37 6.73
C GLU C 186 -19.14 -10.95 7.88
N THR C 187 -18.60 -11.00 9.09
CA THR C 187 -19.28 -10.48 10.27
C THR C 187 -18.25 -9.91 11.23
N HIS C 188 -18.67 -8.92 11.99
CA HIS C 188 -17.81 -8.23 12.94
C HIS C 188 -18.52 -8.07 14.27
N PHE C 189 -17.73 -8.01 15.34
CA PHE C 189 -18.30 -7.87 16.68
C PHE C 189 -17.20 -7.36 17.62
N THR C 190 -17.65 -6.75 18.71
CA THR C 190 -16.78 -6.19 19.73
C THR C 190 -16.91 -7.00 21.01
N PHE C 191 -15.79 -7.20 21.70
CA PHE C 191 -15.80 -7.95 22.94
C PHE C 191 -14.59 -7.55 23.76
N LYS C 192 -14.81 -7.06 24.98
CA LYS C 192 -13.74 -6.62 25.88
C LYS C 192 -12.84 -5.59 25.22
N ASP C 193 -13.46 -4.68 24.47
CA ASP C 193 -12.81 -3.57 23.77
C ASP C 193 -11.94 -4.03 22.61
N LEU C 194 -12.09 -5.29 22.17
CA LEU C 194 -11.43 -5.78 20.96
C LEU C 194 -12.47 -5.85 19.86
N TYR C 195 -12.15 -5.31 18.69
CA TYR C 195 -13.04 -5.37 17.54
C TYR C 195 -12.65 -6.57 16.68
N PHE C 196 -13.51 -7.58 16.62
CA PHE C 196 -13.26 -8.78 15.84
C PHE C 196 -13.88 -8.67 14.45
N LYS C 197 -13.17 -9.16 13.45
CA LYS C 197 -13.70 -9.32 12.10
C LYS C 197 -13.53 -10.78 11.67
N MET C 198 -14.65 -11.44 11.41
CA MET C 198 -14.65 -12.86 11.08
C MET C 198 -15.13 -13.05 9.64
N PHE C 199 -14.43 -13.93 8.91
CA PHE C 199 -14.74 -14.21 7.51
C PHE C 199 -15.10 -15.67 7.38
N ASP C 200 -16.29 -15.93 6.85
CA ASP C 200 -16.78 -17.27 6.60
C ASP C 200 -16.67 -17.49 5.11
N VAL C 201 -15.74 -18.36 4.69
CA VAL C 201 -15.52 -18.57 3.28
C VAL C 201 -16.81 -18.98 2.60
N GLY C 202 -17.61 -19.82 3.25
CA GLY C 202 -18.95 -20.06 2.78
C GLY C 202 -18.95 -20.76 1.44
N GLY C 203 -19.88 -20.34 0.58
CA GLY C 203 -19.92 -20.85 -0.77
C GLY C 203 -18.81 -20.28 -1.63
N GLN C 204 -17.86 -21.13 -1.97
CA GLN C 204 -16.70 -20.75 -2.79
C GLN C 204 -16.35 -22.01 -3.57
N ARG C 205 -16.94 -22.14 -4.75
CA ARG C 205 -16.78 -23.34 -5.56
C ARG C 205 -15.62 -23.10 -6.52
N SER C 206 -14.43 -23.52 -6.09
CA SER C 206 -13.19 -23.23 -6.77
C SER C 206 -12.06 -23.96 -6.06
N GLU C 207 -10.84 -23.86 -6.57
CA GLU C 207 -9.69 -24.50 -5.95
C GLU C 207 -9.17 -23.60 -4.83
N ARG C 208 -9.13 -24.16 -3.61
CA ARG C 208 -8.65 -23.38 -2.46
C ARG C 208 -7.26 -22.85 -2.71
N LYS C 209 -6.40 -23.64 -3.35
CA LYS C 209 -5.00 -23.26 -3.50
C LYS C 209 -4.83 -21.95 -4.26
N LYS C 210 -5.84 -21.53 -5.02
CA LYS C 210 -5.73 -20.30 -5.80
C LYS C 210 -6.11 -19.05 -5.02
N TRP C 211 -6.91 -19.18 -3.96
CA TRP C 211 -7.30 -18.03 -3.15
C TRP C 211 -6.91 -18.13 -1.68
N ILE C 212 -6.51 -19.30 -1.18
CA ILE C 212 -6.25 -19.44 0.26
C ILE C 212 -5.12 -18.52 0.71
N HIS C 213 -4.14 -18.25 -0.17
CA HIS C 213 -3.03 -17.39 0.20
C HIS C 213 -3.47 -15.96 0.50
N CYS C 214 -4.69 -15.59 0.08
CA CYS C 214 -5.20 -14.26 0.41
C CYS C 214 -5.35 -14.08 1.91
N PHE C 215 -5.54 -15.17 2.64
CA PHE C 215 -5.74 -15.09 4.09
C PHE C 215 -4.47 -15.28 4.88
N GLU C 216 -3.31 -15.22 4.24
CA GLU C 216 -2.06 -15.11 4.98
C GLU C 216 -2.13 -13.89 5.90
N GLY C 217 -1.76 -14.07 7.15
CA GLY C 217 -1.73 -12.98 8.10
C GLY C 217 -2.95 -12.83 8.98
N VAL C 218 -3.97 -13.68 8.82
CA VAL C 218 -5.10 -13.63 9.72
C VAL C 218 -4.61 -13.96 11.13
N THR C 219 -5.29 -13.40 12.13
CA THR C 219 -4.83 -13.59 13.51
C THR C 219 -4.98 -15.04 13.93
N ALA C 220 -6.13 -15.64 13.65
CA ALA C 220 -6.42 -17.00 14.07
C ALA C 220 -7.43 -17.61 13.10
N ILE C 221 -7.37 -18.93 12.97
CA ILE C 221 -8.38 -19.70 12.25
C ILE C 221 -9.28 -20.36 13.29
N ILE C 222 -10.59 -20.29 13.05
CA ILE C 222 -11.56 -21.03 13.85
C ILE C 222 -12.08 -22.16 13.01
N PHE C 223 -11.70 -23.38 13.37
CA PHE C 223 -12.09 -24.59 12.67
C PHE C 223 -13.19 -25.31 13.45
N CYS C 224 -14.38 -25.41 12.86
CA CYS C 224 -15.50 -26.05 13.52
C CYS C 224 -15.56 -27.52 13.10
N VAL C 225 -15.75 -28.40 14.08
CA VAL C 225 -15.87 -29.84 13.84
C VAL C 225 -17.17 -30.31 14.48
N ALA C 226 -17.99 -31.00 13.69
CA ALA C 226 -19.22 -31.62 14.16
C ALA C 226 -18.90 -32.96 14.82
N LEU C 227 -18.91 -32.99 16.15
CA LEU C 227 -18.68 -34.25 16.87
C LEU C 227 -19.69 -35.32 16.48
N SER C 228 -20.96 -34.94 16.36
CA SER C 228 -22.02 -35.91 16.08
C SER C 228 -22.02 -36.41 14.66
N ASP C 229 -21.19 -35.87 13.78
CA ASP C 229 -21.07 -36.36 12.41
C ASP C 229 -20.30 -37.67 12.31
N TYR C 230 -19.77 -38.19 13.41
CA TYR C 230 -18.83 -39.32 13.33
C TYR C 230 -19.51 -40.57 12.77
N ASP C 231 -20.80 -40.74 13.02
CA ASP C 231 -21.53 -41.95 12.66
C ASP C 231 -22.43 -41.77 11.44
N LEU C 232 -22.25 -40.70 10.67
CA LEU C 232 -23.15 -40.43 9.56
C LEU C 232 -22.91 -41.40 8.41
N VAL C 233 -23.99 -42.02 7.93
CA VAL C 233 -23.90 -43.01 6.86
C VAL C 233 -23.36 -42.37 5.59
N LEU C 234 -22.56 -43.13 4.85
CA LEU C 234 -22.03 -42.68 3.57
C LEU C 234 -23.14 -42.37 2.58
N ALA C 235 -22.93 -41.35 1.76
CA ALA C 235 -23.87 -41.01 0.70
C ALA C 235 -23.77 -42.04 -0.43
N GLU C 236 -24.52 -41.77 -1.51
CA GLU C 236 -24.61 -42.74 -2.60
C GLU C 236 -23.24 -43.06 -3.18
N ASP C 237 -22.48 -42.04 -3.56
CA ASP C 237 -21.13 -42.23 -4.09
C ASP C 237 -20.08 -41.60 -3.17
N GLU C 238 -20.40 -41.42 -1.89
CA GLU C 238 -19.46 -40.82 -0.96
C GLU C 238 -18.26 -41.73 -0.75
N GLU C 239 -17.06 -41.16 -0.78
CA GLU C 239 -15.87 -41.97 -0.57
C GLU C 239 -15.69 -42.33 0.90
N MET C 240 -15.75 -41.35 1.79
CA MET C 240 -15.53 -41.58 3.21
C MET C 240 -16.62 -40.86 4.00
N ASN C 241 -16.74 -41.19 5.30
CA ASN C 241 -17.75 -40.59 6.15
C ASN C 241 -17.42 -39.12 6.46
N ARG C 242 -18.43 -38.44 7.01
CA ARG C 242 -18.35 -36.99 7.21
C ARG C 242 -17.23 -36.60 8.17
N MET C 243 -17.04 -37.35 9.25
CA MET C 243 -16.01 -36.99 10.23
C MET C 243 -14.60 -37.08 9.65
N HIS C 244 -14.32 -38.12 8.86
CA HIS C 244 -12.99 -38.24 8.26
C HIS C 244 -12.74 -37.16 7.23
N GLU C 245 -13.79 -36.68 6.56
CA GLU C 245 -13.64 -35.56 5.65
C GLU C 245 -13.22 -34.30 6.41
N SER C 246 -13.73 -34.13 7.62
CA SER C 246 -13.29 -33.01 8.46
C SER C 246 -11.81 -33.13 8.79
N MET C 247 -11.34 -34.34 9.10
CA MET C 247 -9.92 -34.52 9.38
C MET C 247 -9.07 -34.18 8.16
N LYS C 248 -9.53 -34.57 6.97
CA LYS C 248 -8.78 -34.23 5.76
C LYS C 248 -8.68 -32.72 5.56
N LEU C 249 -9.80 -32.01 5.75
CA LEU C 249 -9.77 -30.56 5.63
C LEU C 249 -8.83 -29.95 6.67
N PHE C 250 -8.88 -30.46 7.91
CA PHE C 250 -8.03 -29.94 8.98
C PHE C 250 -6.56 -30.20 8.68
N ASP C 251 -6.23 -31.42 8.25
CA ASP C 251 -4.87 -31.73 7.83
C ASP C 251 -4.36 -30.74 6.77
N SER C 252 -5.16 -30.50 5.73
CA SER C 252 -4.74 -29.60 4.67
C SER C 252 -4.56 -28.18 5.18
N ILE C 253 -5.48 -27.70 6.03
CA ILE C 253 -5.40 -26.32 6.51
C ILE C 253 -4.26 -26.16 7.52
N CYS C 254 -4.23 -27.03 8.54
CA CYS C 254 -3.23 -26.89 9.59
C CYS C 254 -1.81 -26.90 9.03
N ASN C 255 -1.57 -27.73 8.01
CA ASN C 255 -0.24 -27.92 7.46
C ASN C 255 0.01 -27.06 6.22
N ASN C 256 -0.90 -26.14 5.92
CA ASN C 256 -0.77 -25.31 4.73
C ASN C 256 0.40 -24.35 4.88
N LYS C 257 1.19 -24.21 3.82
CA LYS C 257 2.39 -23.38 3.88
C LYS C 257 2.07 -21.93 4.23
N TRP C 258 0.90 -21.44 3.85
CA TRP C 258 0.52 -20.06 4.16
C TRP C 258 0.09 -19.87 5.60
N PHE C 259 -0.22 -20.95 6.32
CA PHE C 259 -0.73 -20.87 7.68
C PHE C 259 0.25 -21.46 8.70
N THR C 260 1.55 -21.42 8.41
CA THR C 260 2.51 -22.04 9.31
C THR C 260 2.49 -21.40 10.70
N GLU C 261 2.42 -20.08 10.77
CA GLU C 261 2.45 -19.37 12.03
C GLU C 261 1.07 -18.89 12.49
N THR C 262 0.00 -19.59 12.12
CA THR C 262 -1.34 -19.16 12.49
C THR C 262 -1.93 -20.13 13.51
N SER C 263 -2.46 -19.56 14.60
CA SER C 263 -3.11 -20.37 15.63
C SER C 263 -4.46 -20.90 15.14
N ILE C 264 -4.71 -22.17 15.42
CA ILE C 264 -5.94 -22.85 15.05
C ILE C 264 -6.79 -23.04 16.30
N ILE C 265 -8.01 -22.51 16.27
CA ILE C 265 -8.97 -22.70 17.35
C ILE C 265 -10.01 -23.70 16.87
N LEU C 266 -10.26 -24.74 17.68
CA LEU C 266 -11.12 -25.84 17.30
C LEU C 266 -12.37 -25.83 18.15
N PHE C 267 -13.51 -25.59 17.50
CA PHE C 267 -14.82 -25.67 18.13
C PHE C 267 -15.45 -27.01 17.76
N LEU C 268 -15.43 -27.94 18.70
CA LEU C 268 -16.15 -29.22 18.60
C LEU C 268 -17.60 -29.02 19.01
N ASN C 269 -18.53 -28.91 18.05
CA ASN C 269 -19.88 -28.43 18.36
C ASN C 269 -20.88 -29.58 18.40
N LYS C 270 -22.10 -29.23 18.83
CA LYS C 270 -23.22 -30.15 18.98
C LYS C 270 -22.94 -31.26 19.99
N LYS C 271 -22.31 -30.90 21.10
CA LYS C 271 -22.03 -31.86 22.14
C LYS C 271 -23.32 -32.46 22.70
N ASP C 272 -24.43 -31.71 22.65
CA ASP C 272 -25.70 -32.21 23.14
C ASP C 272 -26.18 -33.39 22.31
N LEU C 273 -26.13 -33.25 20.98
CA LEU C 273 -26.52 -34.34 20.09
C LEU C 273 -25.59 -35.53 20.26
N PHE C 274 -24.32 -35.26 20.53
CA PHE C 274 -23.33 -36.32 20.73
C PHE C 274 -23.72 -37.20 21.90
N GLU C 275 -24.25 -36.61 22.98
CA GLU C 275 -24.66 -37.39 24.14
C GLU C 275 -25.80 -38.35 23.81
N GLU C 276 -26.72 -37.92 22.94
CA GLU C 276 -27.80 -38.82 22.52
C GLU C 276 -27.28 -39.92 21.61
N LYS C 277 -26.42 -39.58 20.66
CA LYS C 277 -25.96 -40.56 19.68
C LYS C 277 -25.07 -41.62 20.32
N ILE C 278 -24.19 -41.21 21.25
CA ILE C 278 -23.24 -42.14 21.82
C ILE C 278 -23.91 -43.19 22.69
N LYS C 279 -25.14 -42.95 23.14
CA LYS C 279 -25.87 -43.95 23.92
C LYS C 279 -26.24 -45.17 23.07
N ARG C 280 -26.46 -44.98 21.77
CA ARG C 280 -26.95 -46.05 20.92
C ARG C 280 -26.02 -46.42 19.77
N SER C 281 -25.07 -45.57 19.42
CA SER C 281 -24.23 -45.79 18.24
C SER C 281 -22.77 -45.77 18.65
N PRO C 282 -22.05 -46.89 18.55
CA PRO C 282 -20.69 -46.94 19.07
C PRO C 282 -19.72 -46.16 18.21
N LEU C 283 -18.66 -45.66 18.86
CA LEU C 283 -17.65 -44.88 18.16
C LEU C 283 -16.89 -45.69 17.12
N THR C 284 -16.89 -47.02 17.23
CA THR C 284 -16.19 -47.86 16.27
C THR C 284 -16.72 -47.70 14.85
N ILE C 285 -17.97 -47.26 14.68
CA ILE C 285 -18.45 -46.93 13.34
C ILE C 285 -17.54 -45.90 12.70
N CYS C 286 -17.05 -44.95 13.49
CA CYS C 286 -16.18 -43.88 13.03
C CYS C 286 -14.71 -44.24 13.15
N TYR C 287 -14.32 -44.90 14.24
CA TYR C 287 -12.92 -45.20 14.52
C TYR C 287 -12.80 -46.70 14.72
N PRO C 288 -12.56 -47.47 13.66
CA PRO C 288 -12.52 -48.93 13.83
C PRO C 288 -11.42 -49.40 14.77
N GLU C 289 -10.34 -48.63 14.89
CA GLU C 289 -9.25 -48.98 15.79
C GLU C 289 -9.51 -48.58 17.24
N TYR C 290 -10.60 -47.88 17.52
CA TYR C 290 -10.87 -47.44 18.89
C TYR C 290 -11.26 -48.61 19.77
N THR C 291 -10.55 -48.78 20.89
CA THR C 291 -10.78 -49.88 21.80
C THR C 291 -11.35 -49.44 23.15
N GLY C 292 -11.61 -48.15 23.33
CA GLY C 292 -12.16 -47.64 24.57
C GLY C 292 -13.66 -47.85 24.68
N SER C 293 -14.24 -47.24 25.71
CA SER C 293 -15.67 -47.30 25.96
C SER C 293 -16.37 -46.14 25.28
N ASN C 294 -17.69 -46.26 25.14
CA ASN C 294 -18.50 -45.21 24.54
C ASN C 294 -19.06 -44.25 25.59
N THR C 295 -18.21 -43.79 26.48
CA THR C 295 -18.51 -42.66 27.35
C THR C 295 -18.11 -41.35 26.68
N TYR C 296 -18.77 -40.25 27.08
CA TYR C 296 -18.37 -38.95 26.59
C TYR C 296 -16.91 -38.67 26.87
N GLU C 297 -16.44 -38.95 28.09
CA GLU C 297 -15.11 -38.52 28.49
C GLU C 297 -14.06 -39.23 27.65
N GLU C 298 -14.19 -40.55 27.49
CA GLU C 298 -13.21 -41.30 26.72
C GLU C 298 -13.28 -40.95 25.24
N ALA C 299 -14.49 -40.84 24.69
CA ALA C 299 -14.65 -40.54 23.27
C ALA C 299 -14.24 -39.10 22.93
N ALA C 300 -14.63 -38.14 23.76
CA ALA C 300 -14.27 -36.75 23.49
C ALA C 300 -12.76 -36.54 23.54
N ALA C 301 -12.10 -37.13 24.54
CA ALA C 301 -10.66 -37.00 24.65
C ALA C 301 -9.96 -37.65 23.47
N TYR C 302 -10.45 -38.80 23.03
CA TYR C 302 -9.84 -39.49 21.89
C TYR C 302 -10.02 -38.70 20.60
N ILE C 303 -11.22 -38.17 20.36
CA ILE C 303 -11.47 -37.38 19.16
C ILE C 303 -10.58 -36.14 19.14
N GLN C 304 -10.55 -35.41 20.26
CA GLN C 304 -9.67 -34.23 20.37
C GLN C 304 -8.23 -34.60 20.06
N CYS C 305 -7.75 -35.70 20.64
N CYS C 305 -7.75 -35.71 20.63
CA CYS C 305 -6.38 -36.15 20.39
CA CYS C 305 -6.38 -36.14 20.39
C CYS C 305 -6.17 -36.47 18.91
C CYS C 305 -6.15 -36.50 18.92
N GLN C 306 -7.13 -37.16 18.30
CA GLN C 306 -6.99 -37.53 16.88
C GLN C 306 -6.85 -36.30 16.00
N PHE C 307 -7.58 -35.22 16.32
CA PHE C 307 -7.47 -33.99 15.54
C PHE C 307 -6.16 -33.26 15.81
N GLU C 308 -5.81 -33.11 17.10
CA GLU C 308 -4.61 -32.38 17.45
C GLU C 308 -3.35 -33.09 16.99
N ASP C 309 -3.39 -34.42 16.86
CA ASP C 309 -2.23 -35.16 16.38
C ASP C 309 -1.89 -34.86 14.92
N LEU C 310 -2.83 -34.31 14.16
CA LEU C 310 -2.56 -34.00 12.76
C LEU C 310 -1.61 -32.84 12.58
N ASN C 311 -1.44 -32.00 13.60
CA ASN C 311 -0.54 -30.86 13.54
C ASN C 311 0.91 -31.32 13.53
N ARG C 312 1.59 -31.14 12.39
CA ARG C 312 3.00 -31.48 12.25
C ARG C 312 3.94 -30.38 12.72
N ARG C 313 3.42 -29.26 13.21
CA ARG C 313 4.23 -28.12 13.62
C ARG C 313 3.81 -27.64 14.99
N LYS C 314 3.70 -28.59 15.92
CA LYS C 314 3.20 -28.29 17.27
C LYS C 314 4.04 -27.24 17.97
N ASP C 315 5.35 -27.23 17.74
CA ASP C 315 6.21 -26.29 18.46
C ASP C 315 6.03 -24.86 17.97
N THR C 316 5.64 -24.68 16.71
CA THR C 316 5.45 -23.36 16.13
C THR C 316 3.99 -22.95 16.05
N LYS C 317 3.07 -23.91 16.17
CA LYS C 317 1.65 -23.66 16.02
C LYS C 317 0.90 -24.27 17.20
N GLU C 318 -0.06 -23.53 17.75
CA GLU C 318 -0.80 -23.98 18.91
C GLU C 318 -2.28 -24.07 18.57
N ILE C 319 -2.90 -25.18 18.93
CA ILE C 319 -4.33 -25.41 18.74
C ILE C 319 -5.05 -25.15 20.05
N TYR C 320 -6.12 -24.38 19.99
CA TYR C 320 -6.95 -24.04 21.15
C TYR C 320 -8.27 -24.80 21.00
N THR C 321 -8.44 -25.86 21.78
CA THR C 321 -9.60 -26.74 21.61
C THR C 321 -10.65 -26.42 22.65
N HIS C 322 -11.88 -26.22 22.21
CA HIS C 322 -13.01 -25.99 23.09
C HIS C 322 -14.13 -26.94 22.74
N PHE C 323 -14.87 -27.36 23.77
CA PHE C 323 -16.02 -28.25 23.60
C PHE C 323 -17.31 -27.45 23.70
N THR C 324 -17.59 -26.69 22.65
CA THR C 324 -18.75 -25.83 22.61
C THR C 324 -20.01 -26.64 22.28
N CYS C 325 -21.15 -25.97 22.42
CA CYS C 325 -22.44 -26.57 22.10
C CYS C 325 -23.35 -25.48 21.54
N ALA C 326 -24.64 -25.81 21.38
CA ALA C 326 -25.60 -24.82 20.91
C ALA C 326 -25.93 -23.78 21.96
N THR C 327 -25.78 -24.11 23.25
CA THR C 327 -26.11 -23.21 24.33
C THR C 327 -24.89 -22.57 24.99
N ASP C 328 -23.70 -23.13 24.75
CA ASP C 328 -22.48 -22.61 25.35
C ASP C 328 -22.31 -21.13 25.04
N THR C 329 -21.94 -20.35 26.06
CA THR C 329 -21.72 -18.92 25.92
C THR C 329 -20.31 -18.48 26.25
N LYS C 330 -19.51 -19.31 26.91
CA LYS C 330 -18.12 -18.99 27.23
C LYS C 330 -17.21 -19.15 26.03
N ASN C 331 -17.73 -19.63 24.89
CA ASN C 331 -16.89 -19.83 23.72
C ASN C 331 -16.39 -18.52 23.13
N VAL C 332 -17.20 -17.46 23.16
CA VAL C 332 -16.73 -16.16 22.71
C VAL C 332 -15.61 -15.68 23.63
N GLN C 333 -15.73 -15.95 24.93
CA GLN C 333 -14.63 -15.66 25.85
C GLN C 333 -13.41 -16.51 25.53
N PHE C 334 -13.64 -17.76 25.15
CA PHE C 334 -12.53 -18.65 24.79
C PHE C 334 -11.76 -18.11 23.59
N VAL C 335 -12.46 -17.63 22.56
CA VAL C 335 -11.76 -17.10 21.40
C VAL C 335 -11.03 -15.82 21.77
N PHE C 336 -11.59 -15.00 22.66
CA PHE C 336 -10.89 -13.80 23.11
C PHE C 336 -9.60 -14.15 23.85
N ASP C 337 -9.65 -15.15 24.73
CA ASP C 337 -8.45 -15.57 25.45
C ASP C 337 -7.41 -16.13 24.51
N ALA C 338 -7.84 -16.95 23.54
CA ALA C 338 -6.91 -17.50 22.56
C ALA C 338 -6.31 -16.40 21.68
N VAL C 339 -7.13 -15.42 21.29
CA VAL C 339 -6.64 -14.31 20.48
C VAL C 339 -5.64 -13.46 21.25
N THR C 340 -5.87 -13.28 22.54
CA THR C 340 -4.95 -12.49 23.37
C THR C 340 -3.56 -13.13 23.40
N ASP C 341 -3.50 -14.45 23.51
CA ASP C 341 -2.21 -15.12 23.45
C ASP C 341 -1.52 -14.91 22.10
N VAL C 342 -2.30 -14.94 21.02
CA VAL C 342 -1.74 -14.70 19.69
C VAL C 342 -1.16 -13.29 19.60
N ILE C 343 -1.85 -12.31 20.17
CA ILE C 343 -1.35 -10.93 20.19
C ILE C 343 -0.03 -10.85 20.94
N ILE C 344 0.09 -11.58 22.05
CA ILE C 344 1.34 -11.60 22.80
C ILE C 344 2.47 -12.13 21.93
N LYS C 345 2.20 -13.19 21.17
CA LYS C 345 3.21 -13.75 20.27
C LYS C 345 3.61 -12.73 19.22
N ASN C 346 2.64 -12.02 18.66
CA ASN C 346 2.94 -11.00 17.65
C ASN C 346 3.73 -9.85 18.26
N ASN C 347 3.32 -9.39 19.45
CA ASN C 347 4.03 -8.29 20.10
C ASN C 347 5.43 -8.70 20.52
N LEU C 348 5.59 -9.94 21.01
CA LEU C 348 6.93 -10.41 21.35
C LEU C 348 7.80 -10.53 20.11
N LYS C 349 7.23 -10.98 18.99
CA LYS C 349 7.97 -11.00 17.74
C LYS C 349 8.36 -9.59 17.31
N GLU C 350 7.43 -8.65 17.42
CA GLU C 350 7.71 -7.28 17.00
C GLU C 350 8.69 -6.61 17.93
N CYS C 351 8.53 -6.79 19.25
CA CYS C 351 9.39 -6.13 20.22
C CYS C 351 10.77 -6.75 20.28
N GLY C 352 11.04 -7.76 19.45
CA GLY C 352 12.35 -8.38 19.39
C GLY C 352 12.56 -9.53 20.36
N LEU C 353 11.67 -9.72 21.31
CA LEU C 353 11.76 -10.83 22.27
C LEU C 353 11.39 -12.17 21.65
N TYR C 354 11.14 -12.22 20.35
CA TYR C 354 10.75 -13.44 19.67
C TYR C 354 10.91 -13.29 18.16
N SER D 10 -23.68 -48.61 -23.53
CA SER D 10 -22.27 -48.30 -23.69
C SER D 10 -22.09 -47.11 -24.62
N GLU D 11 -23.06 -46.18 -24.60
CA GLU D 11 -22.94 -44.95 -25.35
C GLU D 11 -21.80 -44.08 -24.83
N LEU D 12 -21.67 -43.97 -23.50
CA LEU D 12 -20.55 -43.23 -22.93
C LEU D 12 -19.21 -43.86 -23.27
N ASP D 13 -19.18 -45.18 -23.45
CA ASP D 13 -17.93 -45.83 -23.87
C ASP D 13 -17.59 -45.48 -25.31
N GLN D 14 -18.58 -45.54 -26.22
CA GLN D 14 -18.31 -45.24 -27.62
C GLN D 14 -17.90 -43.79 -27.81
N LEU D 15 -18.45 -42.88 -27.01
CA LEU D 15 -18.09 -41.46 -27.14
C LEU D 15 -16.71 -41.18 -26.55
N ARG D 16 -16.40 -41.74 -25.38
CA ARG D 16 -15.10 -41.51 -24.78
C ARG D 16 -13.96 -42.00 -25.67
N GLN D 17 -14.22 -43.05 -26.45
CA GLN D 17 -13.22 -43.55 -27.39
C GLN D 17 -13.17 -42.69 -28.65
N GLU D 18 -14.32 -42.16 -29.08
CA GLU D 18 -14.35 -41.29 -30.26
C GLU D 18 -13.60 -40.00 -30.02
N ALA D 19 -13.68 -39.46 -28.79
CA ALA D 19 -12.93 -38.25 -28.47
C ALA D 19 -11.43 -38.48 -28.60
N GLU D 20 -10.96 -39.68 -28.27
CA GLU D 20 -9.54 -39.98 -28.43
C GLU D 20 -9.13 -39.98 -29.90
N GLN D 21 -10.00 -40.45 -30.78
CA GLN D 21 -9.69 -40.42 -32.20
C GLN D 21 -9.64 -39.00 -32.73
N LEU D 22 -10.57 -38.14 -32.28
CA LEU D 22 -10.54 -36.75 -32.71
C LEU D 22 -9.30 -36.03 -32.19
N LYS D 23 -8.93 -36.30 -30.93
CA LYS D 23 -7.69 -35.75 -30.40
C LYS D 23 -6.48 -36.22 -31.21
N ASN D 24 -6.46 -37.49 -31.60
CA ASN D 24 -5.34 -38.00 -32.38
C ASN D 24 -5.30 -37.39 -33.77
N GLN D 25 -6.47 -37.18 -34.39
CA GLN D 25 -6.51 -36.49 -35.67
C GLN D 25 -5.92 -35.09 -35.56
N ILE D 26 -6.32 -34.34 -34.53
CA ILE D 26 -5.82 -32.99 -34.36
C ILE D 26 -4.32 -33.00 -34.09
N ARG D 27 -3.87 -33.90 -33.20
CA ARG D 27 -2.44 -34.05 -32.94
C ARG D 27 -1.68 -34.36 -34.23
N ASP D 28 -2.24 -35.24 -35.07
CA ASP D 28 -1.57 -35.58 -36.33
C ASP D 28 -1.54 -34.40 -37.27
N ALA D 29 -2.64 -33.65 -37.36
CA ALA D 29 -2.68 -32.46 -38.21
C ALA D 29 -1.65 -31.43 -37.77
N ARG D 30 -1.50 -31.23 -36.46
CA ARG D 30 -0.49 -30.30 -35.96
C ARG D 30 0.92 -30.77 -36.27
N LYS D 31 1.19 -32.06 -36.07
CA LYS D 31 2.49 -32.62 -36.42
C LYS D 31 2.78 -32.46 -37.91
N ALA D 32 1.74 -32.57 -38.75
CA ALA D 32 1.95 -32.50 -40.19
C ALA D 32 2.51 -31.16 -40.65
N CYS D 33 2.12 -30.06 -40.00
CA CYS D 33 2.61 -28.75 -40.39
C CYS D 33 3.74 -28.23 -39.50
N ALA D 34 4.26 -29.05 -38.60
CA ALA D 34 5.46 -28.70 -37.83
C ALA D 34 6.74 -29.10 -38.57
N ASP D 35 6.98 -28.47 -39.72
CA ASP D 35 8.16 -28.85 -40.49
C ASP D 35 9.45 -28.31 -39.88
N ALA D 36 9.36 -27.29 -39.03
CA ALA D 36 10.53 -26.72 -38.38
C ALA D 36 10.08 -26.09 -37.07
N THR D 37 11.05 -25.59 -36.31
CA THR D 37 10.81 -24.85 -35.09
C THR D 37 11.26 -23.41 -35.25
N LEU D 38 10.54 -22.50 -34.59
CA LEU D 38 10.92 -21.09 -34.59
C LEU D 38 12.36 -20.92 -34.15
N SER D 39 12.82 -21.74 -33.20
CA SER D 39 14.16 -21.56 -32.66
C SER D 39 15.21 -21.72 -33.76
N GLN D 40 15.07 -22.73 -34.62
CA GLN D 40 16.03 -22.88 -35.71
C GLN D 40 15.82 -21.82 -36.78
N ILE D 41 14.58 -21.34 -36.94
CA ILE D 41 14.31 -20.27 -37.89
C ILE D 41 15.01 -18.97 -37.47
N THR D 42 15.09 -18.72 -36.17
CA THR D 42 15.62 -17.47 -35.65
C THR D 42 17.09 -17.56 -35.27
N ASN D 43 17.75 -18.69 -35.56
CA ASN D 43 19.14 -18.84 -35.18
C ASN D 43 20.01 -17.74 -35.77
N ASN D 44 19.65 -17.23 -36.95
CA ASN D 44 20.51 -16.29 -37.66
C ASN D 44 20.46 -14.88 -37.11
N ILE D 45 19.39 -14.49 -36.42
CA ILE D 45 19.22 -13.09 -36.03
C ILE D 45 20.06 -12.80 -34.80
N ASP D 46 20.46 -11.54 -34.65
CA ASP D 46 21.33 -11.16 -33.55
C ASP D 46 20.58 -11.22 -32.23
N PRO D 47 21.24 -11.64 -31.16
CA PRO D 47 20.61 -11.55 -29.82
C PRO D 47 20.44 -10.11 -29.38
N VAL D 48 19.54 -9.92 -28.42
CA VAL D 48 19.26 -8.57 -27.93
C VAL D 48 20.38 -8.08 -27.02
N GLY D 49 21.05 -8.99 -26.31
CA GLY D 49 22.18 -8.64 -25.48
C GLY D 49 21.83 -8.04 -24.13
N ARG D 50 22.62 -7.07 -23.68
CA ARG D 50 22.53 -6.54 -22.33
C ARG D 50 21.23 -5.77 -22.16
N ILE D 51 20.29 -6.34 -21.42
CA ILE D 51 19.08 -5.63 -21.02
C ILE D 51 19.30 -5.23 -19.56
N GLN D 52 19.68 -3.98 -19.35
CA GLN D 52 19.96 -3.43 -18.03
C GLN D 52 18.87 -2.40 -17.72
N MET D 53 17.78 -2.89 -17.14
CA MET D 53 16.65 -2.05 -16.76
C MET D 53 16.85 -1.57 -15.32
N ARG D 54 16.50 -0.32 -15.06
CA ARG D 54 16.64 0.27 -13.75
C ARG D 54 15.29 0.77 -13.25
N THR D 55 15.10 0.69 -11.94
CA THR D 55 13.94 1.28 -11.27
C THR D 55 13.99 2.80 -11.37
N ARG D 56 13.00 3.39 -12.02
CA ARG D 56 12.90 4.85 -12.10
C ARG D 56 11.91 5.43 -11.10
N ARG D 57 10.99 4.63 -10.56
CA ARG D 57 10.00 5.12 -9.60
C ARG D 57 9.65 3.98 -8.66
N THR D 58 9.41 4.32 -7.39
CA THR D 58 8.80 3.41 -6.43
C THR D 58 7.50 4.04 -5.94
N LEU D 59 6.39 3.37 -6.22
CA LEU D 59 5.06 3.86 -5.85
C LEU D 59 4.69 3.30 -4.48
N ARG D 60 4.66 4.18 -3.48
CA ARG D 60 4.43 3.81 -2.09
C ARG D 60 3.07 4.30 -1.64
N GLY D 61 2.40 3.51 -0.80
CA GLY D 61 1.15 3.95 -0.21
C GLY D 61 0.16 2.84 0.05
N HIS D 62 0.25 1.74 -0.70
CA HIS D 62 -0.51 0.56 -0.36
C HIS D 62 0.00 -0.04 0.95
N LEU D 63 -0.90 -0.68 1.70
CA LEU D 63 -0.56 -1.22 3.01
C LEU D 63 -0.84 -2.71 3.11
N ALA D 64 -0.93 -3.40 1.97
CA ALA D 64 -1.09 -4.85 1.95
C ALA D 64 -0.58 -5.35 0.61
N LYS D 65 -0.75 -6.66 0.38
CA LYS D 65 -0.28 -7.24 -0.87
C LYS D 65 -1.01 -6.61 -2.05
N ILE D 66 -0.26 -6.35 -3.11
CA ILE D 66 -0.83 -5.91 -4.37
C ILE D 66 -1.02 -7.14 -5.26
N TYR D 67 -2.22 -7.28 -5.82
CA TYR D 67 -2.54 -8.38 -6.72
C TYR D 67 -2.75 -7.98 -8.17
N ALA D 68 -2.99 -6.71 -8.46
CA ALA D 68 -3.25 -6.35 -9.85
C ALA D 68 -2.95 -4.88 -10.07
N MET D 69 -2.68 -4.56 -11.32
CA MET D 69 -2.52 -3.19 -11.78
C MET D 69 -2.86 -3.15 -13.26
N HIS D 70 -3.10 -1.96 -13.77
CA HIS D 70 -3.39 -1.80 -15.18
C HIS D 70 -3.03 -0.40 -15.63
N TRP D 71 -2.22 -0.29 -16.67
CA TRP D 71 -1.91 0.99 -17.27
C TRP D 71 -3.11 1.57 -17.98
N GLY D 72 -3.31 2.88 -17.84
CA GLY D 72 -4.20 3.59 -18.72
C GLY D 72 -3.65 3.70 -20.13
N THR D 73 -4.52 4.02 -21.07
CA THR D 73 -4.10 4.05 -22.46
C THR D 73 -3.23 5.25 -22.79
N ASP D 74 -3.13 6.23 -21.90
CA ASP D 74 -2.22 7.36 -22.07
C ASP D 74 -0.81 7.05 -21.60
N SER D 75 -0.56 5.85 -21.12
CA SER D 75 0.75 5.38 -20.65
C SER D 75 1.28 6.19 -19.47
N ARG D 76 0.40 6.90 -18.76
CA ARG D 76 0.83 7.70 -17.62
C ARG D 76 0.09 7.33 -16.35
N LEU D 77 -1.24 7.26 -16.39
CA LEU D 77 -2.02 6.83 -15.25
C LEU D 77 -2.01 5.30 -15.16
N LEU D 78 -2.06 4.80 -13.93
CA LEU D 78 -2.24 3.38 -13.69
C LEU D 78 -3.05 3.19 -12.42
N VAL D 79 -3.74 2.06 -12.34
CA VAL D 79 -4.55 1.72 -11.18
C VAL D 79 -3.95 0.48 -10.53
N SER D 80 -4.00 0.42 -9.21
CA SER D 80 -3.53 -0.76 -8.48
C SER D 80 -4.57 -1.16 -7.45
N ALA D 81 -4.63 -2.46 -7.17
CA ALA D 81 -5.59 -3.06 -6.27
C ALA D 81 -4.86 -3.84 -5.19
N SER D 82 -5.23 -3.62 -3.94
CA SER D 82 -4.56 -4.29 -2.83
C SER D 82 -5.60 -4.74 -1.81
N GLN D 83 -5.22 -5.75 -1.02
CA GLN D 83 -6.09 -6.26 0.04
C GLN D 83 -6.28 -5.31 1.20
N ASP D 84 -5.69 -4.13 1.19
CA ASP D 84 -6.04 -3.12 2.18
C ASP D 84 -7.36 -2.43 1.85
N GLY D 85 -8.10 -2.94 0.86
CA GLY D 85 -9.37 -2.39 0.47
C GLY D 85 -9.34 -1.09 -0.30
N LYS D 86 -8.21 -0.75 -0.90
CA LYS D 86 -8.06 0.50 -1.63
C LYS D 86 -7.75 0.24 -3.10
N LEU D 87 -8.42 0.98 -3.96
CA LEU D 87 -8.07 1.07 -5.38
C LEU D 87 -7.45 2.45 -5.59
N ILE D 88 -6.16 2.49 -5.89
CA ILE D 88 -5.40 3.73 -6.03
C ILE D 88 -5.08 3.94 -7.50
N ILE D 89 -5.35 5.15 -7.99
CA ILE D 89 -4.92 5.58 -9.32
C ILE D 89 -3.72 6.49 -9.14
N TRP D 90 -2.61 6.15 -9.80
CA TRP D 90 -1.36 6.87 -9.66
C TRP D 90 -1.04 7.62 -10.94
N ASP D 91 -0.54 8.85 -10.79
CA ASP D 91 0.18 9.53 -11.86
C ASP D 91 1.63 9.09 -11.81
N SER D 92 2.00 8.19 -12.72
CA SER D 92 3.33 7.58 -12.66
C SER D 92 4.46 8.54 -12.96
N TYR D 93 4.19 9.66 -13.65
CA TYR D 93 5.26 10.61 -13.95
C TYR D 93 5.71 11.34 -12.69
N THR D 94 4.76 11.80 -11.87
CA THR D 94 5.04 12.55 -10.66
C THR D 94 5.00 11.70 -9.39
N THR D 95 4.43 10.50 -9.45
CA THR D 95 4.08 9.62 -8.34
C THR D 95 2.88 10.11 -7.53
N ASN D 96 2.26 11.22 -7.91
CA ASN D 96 1.07 11.69 -7.22
C ASN D 96 -0.04 10.65 -7.29
N LYS D 97 -0.74 10.46 -6.17
CA LYS D 97 -1.97 9.68 -6.16
C LYS D 97 -3.12 10.56 -6.66
N VAL D 98 -3.76 10.14 -7.75
CA VAL D 98 -4.88 10.90 -8.30
C VAL D 98 -6.17 10.59 -7.56
N HIS D 99 -6.45 9.31 -7.32
CA HIS D 99 -7.63 8.90 -6.58
C HIS D 99 -7.27 7.75 -5.65
N ALA D 100 -7.95 7.68 -4.51
CA ALA D 100 -7.94 6.52 -3.64
C ALA D 100 -9.38 6.07 -3.44
N ILE D 101 -9.75 4.94 -4.03
CA ILE D 101 -11.13 4.47 -4.06
C ILE D 101 -11.30 3.43 -2.96
N PRO D 102 -12.20 3.63 -2.01
CA PRO D 102 -12.42 2.62 -0.96
C PRO D 102 -13.39 1.55 -1.44
N LEU D 103 -12.96 0.29 -1.36
CA LEU D 103 -13.70 -0.84 -1.88
C LEU D 103 -14.64 -1.40 -0.82
N ARG D 104 -15.83 -1.80 -1.25
CA ARG D 104 -16.79 -2.40 -0.32
C ARG D 104 -16.30 -3.76 0.18
N SER D 105 -15.61 -4.52 -0.66
CA SER D 105 -14.98 -5.76 -0.26
C SER D 105 -13.48 -5.66 -0.54
N SER D 106 -12.67 -5.99 0.45
CA SER D 106 -11.23 -5.84 0.35
C SER D 106 -10.55 -7.04 -0.28
N TRP D 107 -11.28 -8.10 -0.58
CA TRP D 107 -10.68 -9.35 -1.05
C TRP D 107 -10.59 -9.36 -2.58
N VAL D 108 -9.90 -8.36 -3.11
CA VAL D 108 -9.83 -8.14 -4.54
C VAL D 108 -8.69 -8.97 -5.12
N MET D 109 -8.85 -9.37 -6.37
CA MET D 109 -7.84 -10.12 -7.08
C MET D 109 -7.48 -9.53 -8.43
N THR D 110 -8.27 -8.60 -8.96
CA THR D 110 -8.05 -8.05 -10.28
C THR D 110 -8.54 -6.61 -10.32
N CYS D 111 -7.95 -5.83 -11.23
CA CYS D 111 -8.47 -4.51 -11.55
C CYS D 111 -8.21 -4.23 -13.02
N ALA D 112 -8.93 -3.24 -13.54
CA ALA D 112 -8.80 -2.90 -14.95
C ALA D 112 -9.09 -1.42 -15.14
N TYR D 113 -8.41 -0.84 -16.13
CA TYR D 113 -8.61 0.53 -16.55
C TYR D 113 -9.33 0.57 -17.89
N ALA D 114 -10.41 1.31 -17.97
CA ALA D 114 -11.12 1.46 -19.23
C ALA D 114 -10.22 2.18 -20.24
N PRO D 115 -10.24 1.77 -21.51
CA PRO D 115 -9.39 2.46 -22.49
C PRO D 115 -9.71 3.94 -22.63
N SER D 116 -10.96 4.33 -22.38
CA SER D 116 -11.31 5.75 -22.40
C SER D 116 -10.76 6.51 -21.20
N GLY D 117 -10.36 5.82 -20.14
CA GLY D 117 -10.00 6.43 -18.88
C GLY D 117 -11.16 6.86 -18.00
N ASN D 118 -12.40 6.60 -18.40
CA ASN D 118 -13.54 7.08 -17.63
C ASN D 118 -13.92 6.16 -16.49
N TYR D 119 -13.45 4.91 -16.49
CA TYR D 119 -13.91 3.90 -15.54
C TYR D 119 -12.75 3.02 -15.13
N VAL D 120 -12.85 2.49 -13.90
CA VAL D 120 -12.04 1.36 -13.47
C VAL D 120 -12.97 0.24 -13.05
N ALA D 121 -12.41 -0.96 -12.97
CA ALA D 121 -13.13 -2.14 -12.54
C ALA D 121 -12.27 -2.89 -11.54
N CYS D 122 -12.92 -3.68 -10.71
N CYS D 122 -12.93 -3.66 -10.67
CA CYS D 122 -12.19 -4.58 -9.82
CA CYS D 122 -12.28 -4.40 -9.59
C CYS D 122 -13.14 -5.67 -9.36
C CYS D 122 -13.20 -5.51 -9.08
N GLY D 123 -12.60 -6.59 -8.58
CA GLY D 123 -13.37 -7.66 -8.02
C GLY D 123 -12.47 -8.76 -7.52
N GLY D 124 -13.09 -9.77 -6.94
CA GLY D 124 -12.34 -10.83 -6.30
C GLY D 124 -13.22 -11.87 -5.64
N LEU D 125 -12.93 -12.17 -4.38
CA LEU D 125 -13.63 -13.20 -3.64
C LEU D 125 -15.07 -12.82 -3.29
N ASP D 126 -15.49 -11.58 -3.56
CA ASP D 126 -16.89 -11.23 -3.44
C ASP D 126 -17.73 -11.73 -4.62
N ASN D 127 -17.10 -12.28 -5.65
CA ASN D 127 -17.75 -12.80 -6.85
C ASN D 127 -18.44 -11.69 -7.64
N ILE D 128 -18.04 -10.44 -7.44
CA ILE D 128 -18.68 -9.28 -8.05
C ILE D 128 -17.63 -8.46 -8.78
N CYS D 129 -17.98 -8.00 -9.99
CA CYS D 129 -17.17 -7.03 -10.72
C CYS D 129 -17.79 -5.65 -10.57
N SER D 130 -17.14 -4.78 -9.80
CA SER D 130 -17.64 -3.44 -9.52
C SER D 130 -17.06 -2.45 -10.53
N ILE D 131 -17.93 -1.61 -11.08
CA ILE D 131 -17.55 -0.58 -12.05
C ILE D 131 -17.59 0.76 -11.35
N TYR D 132 -16.53 1.56 -11.52
CA TYR D 132 -16.35 2.81 -10.81
C TYR D 132 -16.25 3.97 -11.79
N ASN D 133 -17.08 4.99 -11.60
CA ASN D 133 -17.09 6.17 -12.46
C ASN D 133 -16.05 7.16 -11.95
N LEU D 134 -15.02 7.44 -12.75
CA LEU D 134 -13.94 8.33 -12.38
C LEU D 134 -14.21 9.79 -12.73
N LYS D 135 -15.28 10.08 -13.48
CA LYS D 135 -15.52 11.41 -14.02
C LYS D 135 -16.88 11.96 -13.63
N THR D 136 -17.17 11.97 -12.34
CA THR D 136 -18.48 12.41 -11.88
C THR D 136 -18.52 13.93 -11.75
N ARG D 137 -19.73 14.51 -11.86
CA ARG D 137 -19.90 15.91 -11.53
C ARG D 137 -19.69 16.18 -10.05
N GLU D 138 -19.99 15.19 -9.20
CA GLU D 138 -19.90 15.36 -7.76
C GLU D 138 -18.46 15.52 -7.28
N GLY D 139 -17.48 15.07 -8.05
CA GLY D 139 -16.10 15.24 -7.71
C GLY D 139 -15.45 14.03 -7.07
N ASN D 140 -16.23 13.08 -6.56
CA ASN D 140 -15.68 11.85 -6.03
C ASN D 140 -15.95 10.68 -6.96
N VAL D 141 -15.33 9.55 -6.65
CA VAL D 141 -15.50 8.31 -7.41
C VAL D 141 -16.68 7.54 -6.84
N ARG D 142 -17.56 7.06 -7.71
CA ARG D 142 -18.76 6.33 -7.32
C ARG D 142 -18.83 4.98 -8.01
N VAL D 143 -19.30 3.98 -7.28
CA VAL D 143 -19.67 2.71 -7.90
C VAL D 143 -20.83 2.98 -8.85
N SER D 144 -20.62 2.69 -10.12
CA SER D 144 -21.70 2.85 -11.09
C SER D 144 -22.45 1.56 -11.39
N ARG D 145 -21.80 0.41 -11.25
CA ARG D 145 -22.46 -0.86 -11.51
C ARG D 145 -21.76 -1.95 -10.70
N GLU D 146 -22.54 -2.90 -10.18
CA GLU D 146 -22.01 -4.12 -9.58
C GLU D 146 -22.51 -5.30 -10.40
N LEU D 147 -21.63 -5.89 -11.19
CA LEU D 147 -21.98 -6.99 -12.08
C LEU D 147 -21.97 -8.30 -11.30
N ALA D 148 -23.16 -8.82 -11.00
CA ALA D 148 -23.35 -10.01 -10.20
C ALA D 148 -23.86 -11.15 -11.06
N GLY D 149 -23.45 -12.37 -10.72
CA GLY D 149 -23.91 -13.54 -11.47
C GLY D 149 -22.88 -14.65 -11.57
N HIS D 150 -21.60 -14.32 -11.49
CA HIS D 150 -20.59 -15.35 -11.35
C HIS D 150 -20.76 -16.06 -10.02
N THR D 151 -20.39 -17.34 -9.97
CA THR D 151 -20.51 -18.15 -8.77
C THR D 151 -19.16 -18.51 -8.17
N GLY D 152 -18.07 -17.98 -8.71
CA GLY D 152 -16.77 -18.10 -8.10
C GLY D 152 -16.04 -16.78 -8.17
N TYR D 153 -14.85 -16.74 -7.57
CA TYR D 153 -14.13 -15.48 -7.44
C TYR D 153 -13.81 -14.90 -8.81
N LEU D 154 -13.77 -13.58 -8.88
CA LEU D 154 -13.36 -12.88 -10.09
C LEU D 154 -11.83 -12.87 -10.16
N SER D 155 -11.30 -13.51 -11.19
CA SER D 155 -9.85 -13.63 -11.34
C SER D 155 -9.26 -12.60 -12.30
N CYS D 156 -10.07 -12.07 -13.22
CA CYS D 156 -9.57 -11.13 -14.21
C CYS D 156 -10.76 -10.42 -14.83
N CYS D 157 -10.49 -9.23 -15.37
CA CYS D 157 -11.50 -8.46 -16.09
C CYS D 157 -10.79 -7.49 -17.01
N ARG D 158 -11.41 -7.22 -18.15
CA ARG D 158 -10.86 -6.29 -19.13
C ARG D 158 -12.00 -5.58 -19.83
N PHE D 159 -11.93 -4.26 -19.88
CA PHE D 159 -12.93 -3.51 -20.62
C PHE D 159 -12.76 -3.72 -22.12
N LEU D 160 -13.89 -3.86 -22.82
N LEU D 160 -13.88 -3.86 -22.81
CA LEU D 160 -13.90 -3.70 -24.26
CA LEU D 160 -13.92 -3.70 -24.26
C LEU D 160 -14.10 -2.24 -24.64
C LEU D 160 -14.10 -2.24 -24.64
N ASP D 161 -14.99 -1.55 -23.93
CA ASP D 161 -15.24 -0.13 -24.09
C ASP D 161 -16.00 0.31 -22.84
N ASP D 162 -16.55 1.51 -22.87
CA ASP D 162 -17.23 2.02 -21.67
C ASP D 162 -18.49 1.25 -21.34
N ASN D 163 -19.02 0.45 -22.26
CA ASN D 163 -20.24 -0.29 -22.01
C ASN D 163 -20.10 -1.81 -22.02
N GLN D 164 -18.92 -2.36 -22.30
CA GLN D 164 -18.77 -3.80 -22.32
C GLN D 164 -17.48 -4.22 -21.63
N ILE D 165 -17.54 -5.30 -20.87
CA ILE D 165 -16.39 -5.80 -20.14
C ILE D 165 -16.46 -7.31 -20.10
N VAL D 166 -15.31 -7.95 -20.20
CA VAL D 166 -15.20 -9.41 -20.11
CA VAL D 166 -15.19 -9.41 -20.11
C VAL D 166 -14.58 -9.76 -18.78
N THR D 167 -15.11 -10.80 -18.13
CA THR D 167 -14.66 -11.23 -16.83
C THR D 167 -14.28 -12.69 -16.88
N SER D 168 -13.38 -13.09 -15.99
CA SER D 168 -13.05 -14.47 -15.75
C SER D 168 -13.34 -14.82 -14.30
N SER D 169 -13.67 -16.08 -14.05
CA SER D 169 -14.17 -16.46 -12.74
C SER D 169 -13.69 -17.85 -12.37
N GLY D 170 -13.52 -18.08 -11.07
CA GLY D 170 -13.31 -19.40 -10.53
C GLY D 170 -14.43 -20.39 -10.80
N ASP D 171 -15.61 -19.92 -11.23
CA ASP D 171 -16.67 -20.84 -11.60
C ASP D 171 -16.43 -21.56 -12.91
N THR D 172 -15.26 -21.36 -13.53
CA THR D 172 -14.77 -22.00 -14.76
C THR D 172 -15.35 -21.38 -16.02
N THR D 173 -16.12 -20.30 -15.91
CA THR D 173 -16.67 -19.62 -17.06
C THR D 173 -16.04 -18.25 -17.23
N CYS D 174 -16.18 -17.71 -18.43
CA CYS D 174 -15.98 -16.29 -18.69
C CYS D 174 -17.30 -15.69 -19.13
N ALA D 175 -17.40 -14.38 -19.07
CA ALA D 175 -18.67 -13.74 -19.37
C ALA D 175 -18.43 -12.39 -20.01
N LEU D 176 -19.30 -12.03 -20.95
CA LEU D 176 -19.38 -10.69 -21.51
C LEU D 176 -20.57 -9.97 -20.88
N TRP D 177 -20.34 -8.79 -20.34
CA TRP D 177 -21.36 -8.06 -19.63
C TRP D 177 -21.73 -6.79 -20.40
N ASP D 178 -23.01 -6.47 -20.41
CA ASP D 178 -23.47 -5.14 -20.79
C ASP D 178 -23.55 -4.30 -19.52
N ILE D 179 -22.65 -3.32 -19.41
CA ILE D 179 -22.56 -2.55 -18.17
C ILE D 179 -23.83 -1.73 -17.94
N GLU D 180 -24.38 -1.13 -19.00
CA GLU D 180 -25.59 -0.34 -18.87
C GLU D 180 -26.71 -1.13 -18.20
N THR D 181 -27.00 -2.33 -18.69
CA THR D 181 -28.07 -3.14 -18.15
C THR D 181 -27.62 -4.06 -17.03
N GLY D 182 -26.32 -4.26 -16.85
CA GLY D 182 -25.83 -5.13 -15.81
C GLY D 182 -26.03 -6.60 -16.07
N GLN D 183 -26.38 -6.99 -17.29
CA GLN D 183 -26.73 -8.37 -17.60
C GLN D 183 -25.59 -9.05 -18.34
N GLN D 184 -25.36 -10.32 -18.00
CA GLN D 184 -24.55 -11.22 -18.80
C GLN D 184 -25.21 -11.48 -20.14
N THR D 185 -24.62 -10.96 -21.22
CA THR D 185 -25.19 -11.17 -22.54
C THR D 185 -24.58 -12.34 -23.28
N THR D 186 -23.32 -12.68 -23.01
CA THR D 186 -22.70 -13.87 -23.56
C THR D 186 -21.91 -14.58 -22.47
N THR D 187 -22.00 -15.90 -22.44
CA THR D 187 -21.23 -16.71 -21.50
C THR D 187 -20.23 -17.54 -22.30
N PHE D 188 -19.14 -17.92 -21.65
CA PHE D 188 -18.08 -18.68 -22.29
C PHE D 188 -17.76 -19.90 -21.43
N THR D 189 -18.33 -21.04 -21.80
CA THR D 189 -18.19 -22.29 -21.06
C THR D 189 -17.39 -23.28 -21.88
N GLY D 190 -16.68 -24.15 -21.18
CA GLY D 190 -15.90 -25.18 -21.83
C GLY D 190 -14.61 -25.48 -21.09
N HIS D 191 -14.10 -24.49 -20.36
CA HIS D 191 -13.02 -24.75 -19.43
C HIS D 191 -13.49 -25.72 -18.35
N THR D 192 -12.58 -26.58 -17.89
CA THR D 192 -12.89 -27.55 -16.85
C THR D 192 -12.19 -27.25 -15.54
N GLY D 193 -11.56 -26.08 -15.42
CA GLY D 193 -10.97 -25.67 -14.16
C GLY D 193 -11.04 -24.16 -14.03
N ASP D 194 -10.73 -23.69 -12.82
CA ASP D 194 -10.77 -22.27 -12.51
C ASP D 194 -10.05 -21.47 -13.60
N VAL D 195 -10.71 -20.43 -14.10
CA VAL D 195 -10.09 -19.54 -15.08
C VAL D 195 -9.36 -18.44 -14.33
N MET D 196 -8.06 -18.31 -14.60
CA MET D 196 -7.20 -17.44 -13.82
C MET D 196 -6.87 -16.11 -14.49
N SER D 197 -6.98 -16.03 -15.81
N SER D 197 -6.97 -16.04 -15.81
CA SER D 197 -6.46 -14.88 -16.54
CA SER D 197 -6.48 -14.88 -16.54
C SER D 197 -7.02 -14.87 -17.94
C SER D 197 -7.10 -14.87 -17.93
N LEU D 198 -7.17 -13.67 -18.50
CA LEU D 198 -7.63 -13.52 -19.87
C LEU D 198 -6.88 -12.36 -20.52
N SER D 199 -6.87 -12.35 -21.84
CA SER D 199 -6.15 -11.34 -22.61
C SER D 199 -6.94 -11.01 -23.85
N LEU D 200 -7.22 -9.72 -24.04
CA LEU D 200 -7.99 -9.25 -25.18
C LEU D 200 -7.13 -9.10 -26.42
N ALA D 201 -7.65 -9.54 -27.55
CA ALA D 201 -6.98 -9.29 -28.82
C ALA D 201 -6.94 -7.78 -29.10
N PRO D 202 -5.95 -7.31 -29.85
CA PRO D 202 -5.89 -5.87 -30.17
C PRO D 202 -7.14 -5.33 -30.84
N ASP D 203 -7.78 -6.10 -31.72
CA ASP D 203 -9.03 -5.70 -32.36
C ASP D 203 -10.27 -5.99 -31.51
N THR D 204 -10.10 -6.56 -30.32
CA THR D 204 -11.19 -6.87 -29.39
C THR D 204 -12.24 -7.81 -29.97
N ARG D 205 -11.94 -8.50 -31.08
CA ARG D 205 -12.86 -9.49 -31.62
C ARG D 205 -12.66 -10.86 -31.02
N LEU D 206 -11.47 -11.14 -30.48
CA LEU D 206 -11.16 -12.40 -29.81
C LEU D 206 -10.55 -12.11 -28.46
N PHE D 207 -10.66 -13.08 -27.55
CA PHE D 207 -9.84 -13.07 -26.34
C PHE D 207 -9.43 -14.50 -26.04
N VAL D 208 -8.32 -14.64 -25.32
CA VAL D 208 -7.84 -15.95 -24.88
C VAL D 208 -7.94 -15.99 -23.37
N SER D 209 -8.18 -17.20 -22.86
CA SER D 209 -8.31 -17.40 -21.42
C SER D 209 -7.40 -18.55 -21.00
N GLY D 210 -6.95 -18.48 -19.76
CA GLY D 210 -6.14 -19.54 -19.18
C GLY D 210 -6.83 -20.08 -17.94
N ALA D 211 -6.80 -21.40 -17.78
CA ALA D 211 -7.56 -22.06 -16.75
C ALA D 211 -6.67 -23.06 -16.00
N CYS D 212 -7.24 -23.59 -14.91
CA CYS D 212 -6.55 -24.58 -14.10
C CYS D 212 -6.59 -25.98 -14.69
N ASP D 213 -7.18 -26.16 -15.86
CA ASP D 213 -7.03 -27.40 -16.60
C ASP D 213 -5.77 -27.43 -17.45
N ALA D 214 -4.86 -26.47 -17.25
CA ALA D 214 -3.58 -26.38 -17.96
C ALA D 214 -3.75 -26.15 -19.45
N SER D 215 -4.94 -25.73 -19.88
CA SER D 215 -5.20 -25.42 -21.27
C SER D 215 -5.50 -23.93 -21.44
N ALA D 216 -5.24 -23.42 -22.63
CA ALA D 216 -5.70 -22.10 -23.05
C ALA D 216 -6.73 -22.24 -24.15
N LYS D 217 -7.71 -21.33 -24.14
CA LYS D 217 -8.80 -21.37 -25.11
C LYS D 217 -8.95 -20.01 -25.75
N LEU D 218 -9.08 -19.99 -27.07
CA LEU D 218 -9.35 -18.78 -27.83
C LEU D 218 -10.84 -18.66 -28.08
N TRP D 219 -11.43 -17.54 -27.71
CA TRP D 219 -12.87 -17.35 -27.80
C TRP D 219 -13.20 -16.24 -28.79
N ASP D 220 -14.29 -16.43 -29.53
CA ASP D 220 -14.81 -15.40 -30.41
C ASP D 220 -15.87 -14.60 -29.65
N VAL D 221 -15.61 -13.32 -29.43
CA VAL D 221 -16.45 -12.51 -28.55
C VAL D 221 -17.88 -12.45 -29.06
N ARG D 222 -18.06 -12.14 -30.35
CA ARG D 222 -19.42 -11.85 -30.82
C ARG D 222 -20.23 -13.12 -31.07
N GLU D 223 -19.58 -14.24 -31.43
CA GLU D 223 -20.31 -15.49 -31.62
C GLU D 223 -20.41 -16.30 -30.34
N GLY D 224 -19.57 -16.01 -29.34
CA GLY D 224 -19.65 -16.66 -28.04
C GLY D 224 -19.28 -18.13 -27.93
N MET D 225 -18.23 -18.57 -28.62
CA MET D 225 -17.81 -19.96 -28.49
C MET D 225 -16.31 -20.05 -28.70
N CYS D 226 -15.77 -21.23 -28.38
CA CYS D 226 -14.34 -21.48 -28.41
C CYS D 226 -13.91 -21.91 -29.80
N ARG D 227 -13.03 -21.12 -30.41
CA ARG D 227 -12.52 -21.43 -31.74
C ARG D 227 -11.40 -22.46 -31.67
N GLN D 228 -10.49 -22.33 -30.70
CA GLN D 228 -9.31 -23.16 -30.64
C GLN D 228 -8.97 -23.43 -29.19
N THR D 229 -8.30 -24.55 -28.94
CA THR D 229 -7.87 -24.94 -27.61
C THR D 229 -6.40 -25.32 -27.66
N PHE D 230 -5.62 -24.79 -26.74
CA PHE D 230 -4.17 -24.94 -26.76
C PHE D 230 -3.74 -25.63 -25.47
N THR D 231 -3.09 -26.78 -25.60
CA THR D 231 -2.58 -27.54 -24.49
C THR D 231 -1.05 -27.59 -24.58
N GLY D 232 -0.44 -28.19 -23.57
CA GLY D 232 1.01 -28.26 -23.53
C GLY D 232 1.56 -27.99 -22.16
N HIS D 233 0.94 -27.08 -21.41
CA HIS D 233 1.38 -26.82 -20.05
C HIS D 233 1.09 -28.02 -19.16
N GLU D 234 1.95 -28.23 -18.17
CA GLU D 234 1.83 -29.34 -17.25
C GLU D 234 1.13 -28.97 -15.95
N SER D 235 0.86 -27.70 -15.70
CA SER D 235 0.20 -27.28 -14.47
CA SER D 235 0.23 -27.27 -14.47
C SER D 235 -0.55 -25.98 -14.73
N ASP D 236 -0.99 -25.36 -13.65
CA ASP D 236 -1.85 -24.18 -13.69
C ASP D 236 -1.33 -23.12 -14.63
N ILE D 237 -2.22 -22.50 -15.39
CA ILE D 237 -1.92 -21.32 -16.17
C ILE D 237 -2.34 -20.10 -15.34
N ASN D 238 -1.37 -19.34 -14.86
CA ASN D 238 -1.64 -18.17 -14.04
C ASN D 238 -1.76 -16.87 -14.84
N ALA D 239 -1.24 -16.84 -16.07
CA ALA D 239 -1.10 -15.59 -16.79
C ALA D 239 -1.11 -15.84 -18.29
N ILE D 240 -1.54 -14.84 -19.03
CA ILE D 240 -1.66 -14.96 -20.48
C ILE D 240 -1.62 -13.56 -21.08
N CYS D 241 -1.03 -13.45 -22.27
CA CYS D 241 -0.89 -12.15 -22.94
CA CYS D 241 -0.92 -12.16 -22.93
C CYS D 241 -0.76 -12.37 -24.43
N PHE D 242 -1.51 -11.58 -25.21
CA PHE D 242 -1.43 -11.62 -26.66
C PHE D 242 -0.12 -11.03 -27.16
N PHE D 243 0.41 -11.62 -28.23
CA PHE D 243 1.44 -10.98 -29.02
C PHE D 243 0.89 -9.73 -29.69
N PRO D 244 1.71 -8.68 -29.84
CA PRO D 244 1.16 -7.37 -30.22
C PRO D 244 0.42 -7.36 -31.55
N ASN D 245 0.76 -8.25 -32.48
CA ASN D 245 0.03 -8.32 -33.74
C ASN D 245 -1.19 -9.23 -33.67
N GLY D 246 -1.48 -9.81 -32.51
CA GLY D 246 -2.68 -10.60 -32.33
C GLY D 246 -2.61 -12.01 -32.87
N ASN D 247 -1.46 -12.45 -33.35
CA ASN D 247 -1.31 -13.77 -33.96
C ASN D 247 -0.67 -14.80 -33.04
N ALA D 248 -0.33 -14.43 -31.80
CA ALA D 248 0.26 -15.37 -30.86
C ALA D 248 -0.01 -14.87 -29.45
N PHE D 249 0.32 -15.71 -28.47
CA PHE D 249 0.15 -15.36 -27.07
C PHE D 249 0.98 -16.28 -26.18
N ALA D 250 1.64 -15.69 -25.18
CA ALA D 250 2.38 -16.49 -24.23
C ALA D 250 1.48 -16.90 -23.07
N THR D 251 1.96 -17.85 -22.24
CA THR D 251 1.17 -18.40 -21.14
C THR D 251 2.04 -18.66 -19.93
N GLY D 252 1.99 -17.77 -18.95
CA GLY D 252 2.68 -18.00 -17.69
C GLY D 252 2.02 -19.14 -16.93
N SER D 253 2.83 -20.05 -16.40
CA SER D 253 2.30 -21.26 -15.78
C SER D 253 3.07 -21.63 -14.52
N ASP D 254 2.40 -22.39 -13.65
CA ASP D 254 3.04 -22.88 -12.42
C ASP D 254 4.20 -23.81 -12.71
N ASP D 255 4.28 -24.36 -13.92
CA ASP D 255 5.33 -25.29 -14.31
C ASP D 255 6.65 -24.57 -14.62
N ALA D 256 6.81 -23.33 -14.13
CA ALA D 256 8.00 -22.52 -14.37
C ALA D 256 8.35 -22.43 -15.86
N THR D 257 7.32 -22.29 -16.69
CA THR D 257 7.48 -22.24 -18.14
C THR D 257 6.54 -21.20 -18.74
N CYS D 258 6.94 -20.69 -19.90
CA CYS D 258 6.16 -19.75 -20.71
C CYS D 258 6.16 -20.32 -22.12
N ARG D 259 5.02 -20.82 -22.56
CA ARG D 259 4.89 -21.51 -23.84
C ARG D 259 4.10 -20.70 -24.87
N LEU D 260 4.81 -19.87 -25.65
CA LEU D 260 4.17 -19.09 -26.71
C LEU D 260 3.44 -20.00 -27.69
N PHE D 261 2.17 -19.68 -27.95
CA PHE D 261 1.30 -20.43 -28.86
C PHE D 261 0.90 -19.57 -30.05
N ASP D 262 1.22 -20.00 -31.26
CA ASP D 262 0.76 -19.30 -32.44
C ASP D 262 -0.68 -19.70 -32.77
N LEU D 263 -1.53 -18.72 -33.04
CA LEU D 263 -2.93 -19.02 -33.31
C LEU D 263 -3.10 -19.75 -34.64
N ARG D 264 -2.52 -19.19 -35.71
CA ARG D 264 -2.75 -19.72 -37.05
C ARG D 264 -2.10 -21.08 -37.27
N ALA D 265 -0.97 -21.33 -36.62
CA ALA D 265 -0.35 -22.65 -36.66
C ALA D 265 -0.90 -23.58 -35.59
N ASP D 266 -1.68 -23.05 -34.64
CA ASP D 266 -2.45 -23.86 -33.70
C ASP D 266 -1.56 -24.80 -32.90
N GLN D 267 -0.43 -24.30 -32.41
CA GLN D 267 0.47 -25.13 -31.63
C GLN D 267 1.55 -24.27 -30.99
N GLU D 268 2.25 -24.86 -30.04
CA GLU D 268 3.36 -24.23 -29.34
C GLU D 268 4.54 -23.98 -30.26
N LEU D 269 5.17 -22.83 -30.12
CA LEU D 269 6.35 -22.47 -30.89
C LEU D 269 7.63 -22.49 -30.09
N MET D 270 7.56 -22.26 -28.79
CA MET D 270 8.73 -22.07 -27.94
C MET D 270 8.33 -22.15 -26.47
N THR D 271 9.28 -22.62 -25.67
CA THR D 271 9.16 -22.67 -24.23
C THR D 271 10.30 -21.84 -23.65
N TYR D 272 10.01 -21.13 -22.57
CA TYR D 272 10.99 -20.27 -21.91
C TYR D 272 11.12 -20.76 -20.48
N SER D 273 12.27 -21.35 -20.19
CA SER D 273 12.50 -21.93 -18.87
CA SER D 273 12.50 -21.93 -18.87
C SER D 273 14.00 -22.07 -18.66
N HIS D 274 14.39 -22.09 -17.40
CA HIS D 274 15.77 -22.36 -17.00
C HIS D 274 15.77 -23.47 -15.96
N ASP D 275 16.82 -24.30 -15.99
CA ASP D 275 16.89 -25.42 -15.09
C ASP D 275 16.87 -24.98 -13.63
N ASN D 276 17.41 -23.79 -13.35
CA ASN D 276 17.48 -23.25 -11.99
C ASN D 276 16.29 -22.35 -11.66
N ILE D 277 15.25 -22.34 -12.49
CA ILE D 277 14.00 -21.66 -12.19
C ILE D 277 12.92 -22.70 -12.00
N ILE D 278 12.41 -22.82 -10.78
CA ILE D 278 11.43 -23.84 -10.44
C ILE D 278 10.13 -23.27 -9.90
N CYS D 279 10.02 -21.95 -9.75
CA CYS D 279 8.82 -21.36 -9.20
C CYS D 279 7.80 -21.05 -10.28
N GLY D 280 6.58 -20.76 -9.84
CA GLY D 280 5.53 -20.40 -10.77
C GLY D 280 5.69 -19.00 -11.33
N ILE D 281 5.02 -18.76 -12.46
CA ILE D 281 4.95 -17.44 -13.07
C ILE D 281 3.57 -16.88 -12.80
N THR D 282 3.54 -15.60 -12.41
CA THR D 282 2.31 -14.95 -11.97
C THR D 282 1.75 -13.98 -13.00
N SER D 283 2.53 -13.59 -13.99
CA SER D 283 2.18 -12.48 -14.87
C SER D 283 3.13 -12.48 -16.04
N VAL D 284 2.62 -12.12 -17.22
CA VAL D 284 3.42 -12.03 -18.43
C VAL D 284 2.94 -10.84 -19.24
N SER D 285 3.86 -10.26 -20.01
CA SER D 285 3.53 -9.15 -20.90
C SER D 285 4.62 -9.04 -21.94
N PHE D 286 4.24 -8.58 -23.12
CA PHE D 286 5.18 -8.34 -24.21
C PHE D 286 5.59 -6.87 -24.26
N SER D 287 6.81 -6.63 -24.73
CA SER D 287 7.21 -5.29 -25.11
C SER D 287 6.46 -4.84 -26.36
N LYS D 288 6.63 -3.56 -26.70
CA LYS D 288 5.86 -2.97 -27.79
C LYS D 288 6.09 -3.69 -29.11
N SER D 289 7.34 -4.06 -29.40
CA SER D 289 7.66 -4.76 -30.64
C SER D 289 7.46 -6.27 -30.55
N GLY D 290 7.18 -6.81 -29.37
CA GLY D 290 7.07 -8.23 -29.18
C GLY D 290 8.38 -8.97 -28.97
N ARG D 291 9.51 -8.30 -29.10
CA ARG D 291 10.79 -8.98 -29.00
C ARG D 291 11.10 -9.46 -27.59
N LEU D 292 10.65 -8.73 -26.58
CA LEU D 292 10.91 -9.06 -25.19
C LEU D 292 9.65 -9.60 -24.54
N LEU D 293 9.78 -10.72 -23.83
CA LEU D 293 8.70 -11.29 -23.03
C LEU D 293 9.07 -11.13 -21.56
N LEU D 294 8.31 -10.32 -20.84
CA LEU D 294 8.55 -10.06 -19.43
C LEU D 294 7.59 -10.92 -18.61
N ALA D 295 8.12 -11.57 -17.58
CA ALA D 295 7.35 -12.50 -16.77
C ALA D 295 7.73 -12.34 -15.31
N GLY D 296 6.73 -12.35 -14.43
CA GLY D 296 6.96 -12.20 -13.00
C GLY D 296 6.90 -13.56 -12.32
N TYR D 297 7.82 -13.79 -11.39
CA TYR D 297 8.05 -15.10 -10.81
C TYR D 297 7.89 -15.08 -9.30
N ASP D 298 7.48 -16.22 -8.76
CA ASP D 298 7.37 -16.39 -7.31
C ASP D 298 8.70 -16.21 -6.60
N ASP D 299 9.82 -16.34 -7.32
CA ASP D 299 11.15 -16.21 -6.72
C ASP D 299 11.56 -14.76 -6.49
N PHE D 300 10.60 -13.84 -6.56
CA PHE D 300 10.66 -12.41 -6.28
C PHE D 300 11.21 -11.61 -7.45
N ASN D 301 11.59 -12.25 -8.55
CA ASN D 301 12.22 -11.59 -9.68
C ASN D 301 11.30 -11.54 -10.89
N CYS D 302 11.60 -10.61 -11.80
N CYS D 302 11.62 -10.63 -11.80
CA CYS D 302 11.05 -10.60 -13.14
CA CYS D 302 11.05 -10.60 -13.14
C CYS D 302 12.14 -10.96 -14.12
C CYS D 302 12.13 -10.95 -14.14
N ASN D 303 11.87 -11.93 -14.99
CA ASN D 303 12.80 -12.33 -16.03
C ASN D 303 12.40 -11.76 -17.38
N VAL D 304 13.39 -11.30 -18.13
CA VAL D 304 13.16 -10.73 -19.45
C VAL D 304 13.70 -11.73 -20.47
N TRP D 305 12.81 -12.29 -21.26
CA TRP D 305 13.15 -13.31 -22.25
C TRP D 305 13.22 -12.69 -23.65
N ASP D 306 14.15 -13.22 -24.44
CA ASP D 306 14.16 -12.96 -25.88
C ASP D 306 13.08 -13.83 -26.51
N ALA D 307 12.00 -13.19 -26.97
CA ALA D 307 10.84 -13.96 -27.42
C ALA D 307 11.12 -14.75 -28.70
N LEU D 308 12.10 -14.33 -29.50
CA LEU D 308 12.42 -15.05 -30.72
C LEU D 308 13.46 -16.14 -30.53
N LYS D 309 14.34 -16.01 -29.53
CA LYS D 309 15.44 -16.96 -29.36
C LYS D 309 15.42 -17.72 -28.04
N ALA D 310 14.52 -17.37 -27.11
CA ALA D 310 14.28 -18.06 -25.84
C ALA D 310 15.41 -17.89 -24.84
N ASP D 311 16.46 -17.14 -25.17
CA ASP D 311 17.49 -16.84 -24.19
C ASP D 311 16.97 -15.77 -23.22
N ARG D 312 17.37 -15.90 -21.96
CA ARG D 312 17.08 -14.83 -21.00
C ARG D 312 17.95 -13.62 -21.30
N ALA D 313 17.31 -12.45 -21.41
CA ALA D 313 18.02 -11.23 -21.72
C ALA D 313 18.34 -10.38 -20.50
N GLY D 314 17.58 -10.51 -19.41
CA GLY D 314 17.76 -9.62 -18.29
C GLY D 314 16.88 -10.03 -17.13
N VAL D 315 17.13 -9.39 -16.00
CA VAL D 315 16.43 -9.69 -14.74
C VAL D 315 16.07 -8.36 -14.09
N LEU D 316 14.88 -8.30 -13.50
CA LEU D 316 14.47 -7.19 -12.66
C LEU D 316 14.33 -7.71 -11.24
N ALA D 317 15.27 -7.34 -10.38
CA ALA D 317 15.32 -7.81 -9.01
C ALA D 317 15.25 -6.59 -8.09
N GLY D 318 14.03 -6.24 -7.69
CA GLY D 318 13.82 -5.05 -6.89
C GLY D 318 12.71 -5.20 -5.87
N HIS D 319 12.25 -6.42 -5.63
CA HIS D 319 11.15 -6.65 -4.71
C HIS D 319 11.56 -7.64 -3.63
N ASP D 320 10.90 -7.55 -2.48
CA ASP D 320 11.17 -8.37 -1.32
C ASP D 320 10.11 -9.44 -1.11
N ASN D 321 9.24 -9.64 -2.09
CA ASN D 321 8.15 -10.60 -1.99
C ASN D 321 7.62 -10.83 -3.39
N ARG D 322 6.67 -11.76 -3.51
CA ARG D 322 6.14 -12.19 -4.79
C ARG D 322 5.82 -11.00 -5.69
N VAL D 323 6.30 -11.05 -6.92
CA VAL D 323 5.78 -10.17 -7.97
C VAL D 323 4.47 -10.77 -8.43
N SER D 324 3.37 -10.05 -8.22
CA SER D 324 2.05 -10.57 -8.52
C SER D 324 1.46 -10.05 -9.82
N CYS D 325 2.02 -8.98 -10.38
CA CYS D 325 1.45 -8.37 -11.57
C CYS D 325 2.50 -7.49 -12.21
N LEU D 326 2.35 -7.26 -13.51
CA LEU D 326 3.20 -6.32 -14.22
C LEU D 326 2.45 -5.86 -15.47
N GLY D 327 2.97 -4.80 -16.07
CA GLY D 327 2.40 -4.32 -17.30
C GLY D 327 3.29 -3.34 -18.04
N VAL D 328 3.20 -3.35 -19.36
CA VAL D 328 3.98 -2.48 -20.22
C VAL D 328 3.06 -1.42 -20.80
N THR D 329 3.51 -0.18 -20.82
CA THR D 329 2.73 0.92 -21.36
C THR D 329 2.44 0.68 -22.84
N ASP D 330 1.35 1.30 -23.32
CA ASP D 330 1.00 1.18 -24.73
C ASP D 330 2.08 1.75 -25.64
N ASP D 331 2.77 2.81 -25.21
CA ASP D 331 3.87 3.33 -26.00
C ASP D 331 5.16 2.57 -25.81
N GLY D 332 5.19 1.59 -24.91
CA GLY D 332 6.36 0.76 -24.72
C GLY D 332 7.43 1.39 -23.85
N MET D 333 7.21 2.59 -23.32
CA MET D 333 8.28 3.32 -22.67
C MET D 333 8.65 2.75 -21.31
N ALA D 334 7.74 2.06 -20.63
CA ALA D 334 8.02 1.62 -19.27
C ALA D 334 7.26 0.34 -18.97
N VAL D 335 7.79 -0.43 -18.03
CA VAL D 335 7.08 -1.55 -17.43
C VAL D 335 6.92 -1.28 -15.94
N ALA D 336 5.73 -1.52 -15.42
CA ALA D 336 5.48 -1.46 -13.99
C ALA D 336 5.38 -2.87 -13.43
N THR D 337 5.92 -3.07 -12.24
CA THR D 337 5.77 -4.32 -11.52
C THR D 337 5.11 -4.05 -10.18
N GLY D 338 4.16 -4.89 -9.79
CA GLY D 338 3.52 -4.81 -8.51
C GLY D 338 3.81 -6.08 -7.72
N SER D 339 3.83 -5.95 -6.40
CA SER D 339 4.39 -7.01 -5.58
C SER D 339 3.57 -7.18 -4.30
N TRP D 340 3.61 -8.40 -3.76
CA TRP D 340 3.09 -8.68 -2.43
C TRP D 340 3.74 -7.81 -1.36
N ASP D 341 4.90 -7.22 -1.63
CA ASP D 341 5.60 -6.38 -0.66
C ASP D 341 4.99 -4.98 -0.55
N SER D 342 3.88 -4.71 -1.23
CA SER D 342 3.06 -3.50 -1.17
C SER D 342 3.58 -2.33 -1.99
N PHE D 343 4.62 -2.51 -2.79
CA PHE D 343 5.16 -1.44 -3.61
C PHE D 343 5.00 -1.76 -5.09
N LEU D 344 4.87 -0.71 -5.90
CA LEU D 344 5.04 -0.81 -7.35
C LEU D 344 6.32 -0.09 -7.77
N LYS D 345 6.97 -0.63 -8.78
CA LYS D 345 8.16 -0.02 -9.34
C LYS D 345 8.00 0.16 -10.84
N ILE D 346 8.49 1.28 -11.35
CA ILE D 346 8.49 1.58 -12.78
C ILE D 346 9.92 1.41 -13.29
N TRP D 347 10.07 0.66 -14.38
CA TRP D 347 11.37 0.35 -14.95
C TRP D 347 11.41 0.75 -16.40
N ASN D 348 12.57 1.25 -16.84
CA ASN D 348 12.91 1.30 -18.26
C ASN D 348 14.40 1.56 -18.49
N ASN E 5 -25.48 -39.15 -14.18
CA ASN E 5 -25.44 -39.83 -15.47
C ASN E 5 -25.94 -38.90 -16.58
N THR E 6 -27.06 -38.22 -16.32
CA THR E 6 -27.64 -37.35 -17.32
C THR E 6 -26.78 -36.14 -17.63
N ALA E 7 -25.84 -35.80 -16.74
CA ALA E 7 -24.90 -34.72 -17.01
C ALA E 7 -23.69 -35.18 -17.80
N SER E 8 -23.25 -36.43 -17.62
CA SER E 8 -22.14 -36.91 -18.42
C SER E 8 -22.55 -37.14 -19.87
N ILE E 9 -23.80 -37.52 -20.12
CA ILE E 9 -24.23 -37.72 -21.50
C ILE E 9 -24.46 -36.39 -22.21
N ALA E 10 -24.90 -35.35 -21.49
CA ALA E 10 -25.12 -34.06 -22.13
C ALA E 10 -23.81 -33.40 -22.50
N GLN E 11 -22.81 -33.51 -21.63
CA GLN E 11 -21.48 -32.98 -21.91
C GLN E 11 -20.79 -33.76 -23.02
N ALA E 12 -21.09 -35.06 -23.15
CA ALA E 12 -20.36 -35.88 -24.11
C ALA E 12 -20.65 -35.49 -25.55
N ARG E 13 -21.91 -35.17 -25.88
CA ARG E 13 -22.15 -34.73 -27.25
C ARG E 13 -21.74 -33.28 -27.48
N LYS E 14 -21.73 -32.46 -26.43
CA LYS E 14 -21.19 -31.11 -26.55
C LYS E 14 -19.69 -31.14 -26.82
N LEU E 15 -18.97 -32.08 -26.21
CA LEU E 15 -17.55 -32.20 -26.45
C LEU E 15 -17.27 -32.64 -27.88
N VAL E 16 -18.11 -33.54 -28.41
CA VAL E 16 -17.95 -33.99 -29.79
C VAL E 16 -18.24 -32.86 -30.76
N GLU E 17 -19.31 -32.10 -30.50
CA GLU E 17 -19.64 -30.96 -31.36
C GLU E 17 -18.50 -29.95 -31.38
N GLN E 18 -17.91 -29.65 -30.23
CA GLN E 18 -16.81 -28.69 -30.17
C GLN E 18 -15.57 -29.21 -30.88
N LEU E 19 -15.24 -30.48 -30.66
CA LEU E 19 -14.05 -31.05 -31.31
C LEU E 19 -14.21 -31.09 -32.83
N LYS E 20 -15.40 -31.43 -33.31
CA LYS E 20 -15.67 -31.39 -34.75
C LYS E 20 -15.32 -30.03 -35.35
N MET E 21 -15.79 -28.95 -34.71
CA MET E 21 -15.49 -27.61 -35.21
C MET E 21 -13.99 -27.34 -35.18
N GLU E 22 -13.33 -27.64 -34.06
CA GLU E 22 -11.92 -27.32 -33.91
C GLU E 22 -11.06 -28.08 -34.92
N ALA E 23 -11.48 -29.30 -35.29
CA ALA E 23 -10.74 -30.08 -36.28
C ALA E 23 -10.80 -29.45 -37.66
N ASN E 24 -11.86 -28.70 -37.96
CA ASN E 24 -12.15 -28.22 -39.30
C ASN E 24 -11.54 -26.86 -39.61
N ILE E 25 -10.76 -26.28 -38.71
CA ILE E 25 -10.27 -24.93 -38.95
C ILE E 25 -9.14 -24.95 -39.98
N ASP E 26 -8.91 -23.81 -40.60
CA ASP E 26 -7.82 -23.66 -41.56
C ASP E 26 -6.53 -23.38 -40.82
N ARG E 27 -5.50 -24.17 -41.12
CA ARG E 27 -4.20 -24.02 -40.49
C ARG E 27 -3.15 -23.66 -41.52
N ILE E 28 -2.19 -22.86 -41.11
CA ILE E 28 -1.07 -22.49 -41.94
C ILE E 28 0.15 -23.26 -41.44
N LYS E 29 1.22 -23.21 -42.22
CA LYS E 29 2.43 -23.90 -41.86
C LYS E 29 3.16 -23.15 -40.76
N VAL E 30 3.79 -23.90 -39.85
CA VAL E 30 4.55 -23.28 -38.76
C VAL E 30 5.65 -22.39 -39.32
N SER E 31 6.28 -22.81 -40.41
CA SER E 31 7.34 -21.99 -41.01
C SER E 31 6.80 -20.63 -41.44
N LYS E 32 5.61 -20.60 -42.05
CA LYS E 32 5.00 -19.32 -42.40
C LYS E 32 4.60 -18.56 -41.13
N ALA E 33 4.03 -19.26 -40.15
CA ALA E 33 3.65 -18.62 -38.90
C ALA E 33 4.86 -18.02 -38.20
N ALA E 34 5.96 -18.77 -38.16
CA ALA E 34 7.19 -18.31 -37.52
C ALA E 34 7.78 -17.11 -38.24
N ALA E 35 7.70 -17.10 -39.58
CA ALA E 35 8.21 -15.98 -40.36
C ALA E 35 7.47 -14.69 -40.03
N ASP E 36 6.15 -14.77 -39.84
CA ASP E 36 5.37 -13.56 -39.55
C ASP E 36 5.78 -12.94 -38.23
N LEU E 37 6.09 -13.76 -37.23
CA LEU E 37 6.52 -13.22 -35.95
C LEU E 37 7.86 -12.51 -36.08
N MET E 38 8.81 -13.12 -36.78
CA MET E 38 10.10 -12.49 -37.01
C MET E 38 9.95 -11.18 -37.77
N ALA E 39 9.06 -11.16 -38.78
CA ALA E 39 8.86 -9.95 -39.57
C ALA E 39 8.31 -8.80 -38.71
N TYR E 40 7.43 -9.10 -37.77
CA TYR E 40 6.87 -8.07 -36.90
C TYR E 40 7.94 -7.46 -36.00
N CYS E 41 8.75 -8.31 -35.36
CA CYS E 41 9.79 -7.81 -34.46
C CYS E 41 10.74 -6.86 -35.17
N GLU E 42 11.25 -7.26 -36.34
CA GLU E 42 12.18 -6.41 -37.08
C GLU E 42 11.51 -5.11 -37.53
N ALA E 43 10.27 -5.19 -38.02
CA ALA E 43 9.61 -3.99 -38.55
C ALA E 43 9.30 -2.99 -37.46
N HIS E 44 9.13 -3.45 -36.22
CA HIS E 44 8.76 -2.57 -35.12
C HIS E 44 9.85 -2.42 -34.08
N ALA E 45 11.03 -3.00 -34.31
CA ALA E 45 12.10 -2.96 -33.31
C ALA E 45 12.50 -1.53 -32.98
N LYS E 46 12.50 -0.64 -33.97
CA LYS E 46 12.99 0.72 -33.76
C LYS E 46 12.07 1.53 -32.86
N GLU E 47 10.78 1.21 -32.83
CA GLU E 47 9.81 1.92 -32.01
C GLU E 47 9.57 1.25 -30.66
N ASP E 48 10.45 0.35 -30.24
CA ASP E 48 10.35 -0.31 -28.96
C ASP E 48 11.34 0.31 -27.99
N PRO E 49 10.90 1.18 -27.06
CA PRO E 49 11.86 1.84 -26.17
C PRO E 49 12.53 0.92 -25.18
N LEU E 50 11.99 -0.28 -24.94
CA LEU E 50 12.65 -1.22 -24.04
C LEU E 50 13.78 -1.97 -24.74
N LEU E 51 13.65 -2.18 -26.05
CA LEU E 51 14.73 -2.81 -26.80
C LEU E 51 15.89 -1.85 -27.02
N THR E 52 15.59 -0.66 -27.56
CA THR E 52 16.59 0.33 -27.93
C THR E 52 16.32 1.59 -27.11
N PRO E 53 16.94 1.73 -25.95
CA PRO E 53 16.58 2.83 -25.04
C PRO E 53 16.83 4.19 -25.67
N VAL E 54 16.01 5.16 -25.27
CA VAL E 54 16.03 6.49 -25.85
C VAL E 54 16.89 7.39 -24.97
N PRO E 55 17.38 8.52 -25.48
CA PRO E 55 18.16 9.44 -24.64
C PRO E 55 17.33 9.99 -23.49
N ALA E 56 18.04 10.38 -22.43
CA ALA E 56 17.37 10.81 -21.21
C ALA E 56 16.44 12.00 -21.46
N SER E 57 16.72 12.80 -22.49
CA SER E 57 15.82 13.90 -22.83
C SER E 57 14.51 13.41 -23.41
N GLU E 58 14.49 12.21 -23.97
CA GLU E 58 13.29 11.59 -24.52
C GLU E 58 12.62 10.66 -23.53
N ASN E 59 13.10 10.60 -22.30
CA ASN E 59 12.65 9.61 -21.32
C ASN E 59 11.75 10.28 -20.30
N PRO E 60 10.43 10.06 -20.34
CA PRO E 60 9.53 10.75 -19.41
C PRO E 60 9.86 10.51 -17.95
N PHE E 61 10.40 9.34 -17.62
CA PHE E 61 10.70 8.99 -16.23
C PHE E 61 12.09 9.45 -15.82
N ARG E 62 12.72 10.33 -16.60
CA ARG E 62 13.96 11.00 -16.22
C ARG E 62 13.92 12.50 -16.48
N GLU E 63 12.81 13.04 -16.97
CA GLU E 63 12.78 14.40 -17.50
C GLU E 63 12.68 15.42 -16.37
N ASP F 1 -26.98 17.53 -8.43
CA ASP F 1 -27.11 18.91 -8.89
C ASP F 1 -26.20 19.83 -8.09
N VAL F 2 -25.16 20.34 -8.73
CA VAL F 2 -24.17 21.16 -8.04
C VAL F 2 -24.72 22.55 -7.83
N GLN F 3 -24.67 23.03 -6.59
CA GLN F 3 -25.15 24.36 -6.24
C GLN F 3 -24.12 25.06 -5.36
N LEU F 4 -23.90 26.34 -5.65
CA LEU F 4 -23.16 27.24 -4.77
C LEU F 4 -24.00 28.51 -4.64
N VAL F 5 -24.41 28.83 -3.43
CA VAL F 5 -25.33 29.93 -3.18
C VAL F 5 -24.67 30.89 -2.21
N GLU F 6 -24.23 32.02 -2.71
CA GLU F 6 -23.64 33.06 -1.88
C GLU F 6 -24.72 33.89 -1.21
N SER F 7 -24.38 34.44 -0.04
CA SER F 7 -25.28 35.33 0.68
C SER F 7 -24.44 36.23 1.57
N GLY F 8 -25.09 37.21 2.19
CA GLY F 8 -24.43 38.14 3.06
C GLY F 8 -24.17 39.51 2.46
N GLY F 9 -24.41 39.70 1.17
CA GLY F 9 -24.23 40.99 0.55
C GLY F 9 -25.12 42.07 1.11
N GLY F 10 -25.01 43.28 0.56
CA GLY F 10 -25.79 44.39 1.03
C GLY F 10 -25.01 45.67 0.93
N LEU F 11 -25.57 46.73 1.48
CA LEU F 11 -24.94 48.04 1.52
C LEU F 11 -24.23 48.22 2.86
N VAL F 12 -22.99 48.70 2.81
CA VAL F 12 -22.17 48.88 4.00
C VAL F 12 -21.45 50.22 3.89
N GLN F 13 -21.28 50.88 5.04
CA GLN F 13 -20.53 52.11 5.08
C GLN F 13 -19.03 51.82 4.93
N PRO F 14 -18.27 52.76 4.36
CA PRO F 14 -16.82 52.55 4.26
C PRO F 14 -16.19 52.39 5.62
N GLY F 15 -15.15 51.56 5.67
CA GLY F 15 -14.48 51.23 6.91
C GLY F 15 -15.16 50.16 7.73
N GLY F 16 -16.37 49.75 7.36
CA GLY F 16 -17.07 48.73 8.11
C GLY F 16 -16.61 47.32 7.76
N SER F 17 -17.28 46.35 8.36
CA SER F 17 -16.97 44.94 8.16
C SER F 17 -18.21 44.18 7.74
N ARG F 18 -17.99 43.08 7.03
CA ARG F 18 -19.08 42.27 6.50
C ARG F 18 -18.53 40.89 6.20
N LYS F 19 -19.30 39.86 6.57
CA LYS F 19 -18.93 38.47 6.32
C LYS F 19 -19.81 37.92 5.21
N LEU F 20 -19.18 37.48 4.12
CA LEU F 20 -19.89 36.77 3.06
C LEU F 20 -19.86 35.26 3.33
N SER F 21 -20.90 34.57 2.86
CA SER F 21 -20.97 33.13 2.97
C SER F 21 -21.25 32.53 1.60
N CYS F 22 -20.76 31.30 1.41
CA CYS F 22 -21.04 30.52 0.20
C CYS F 22 -21.47 29.13 0.64
N SER F 23 -22.70 28.75 0.29
CA SER F 23 -23.30 27.50 0.74
C SER F 23 -23.24 26.49 -0.41
N ALA F 24 -22.65 25.33 -0.14
CA ALA F 24 -22.39 24.32 -1.15
C ALA F 24 -23.32 23.13 -0.96
N SER F 25 -23.82 22.59 -2.07
CA SER F 25 -24.62 21.38 -2.04
C SER F 25 -24.49 20.66 -3.36
N GLY F 26 -24.75 19.36 -3.33
CA GLY F 26 -24.72 18.55 -4.53
C GLY F 26 -23.38 18.04 -4.97
N PHE F 27 -22.34 18.13 -4.14
CA PHE F 27 -21.03 17.60 -4.50
C PHE F 27 -20.18 17.47 -3.25
N ALA F 28 -18.97 16.93 -3.45
CA ALA F 28 -18.01 16.65 -2.37
C ALA F 28 -17.19 17.90 -2.07
N PHE F 29 -17.90 18.90 -1.53
CA PHE F 29 -17.33 20.20 -1.16
C PHE F 29 -15.90 20.11 -0.61
N SER F 30 -15.72 19.31 0.45
CA SER F 30 -14.42 19.21 1.12
C SER F 30 -13.25 19.10 0.14
N SER F 31 -13.32 18.17 -0.81
CA SER F 31 -12.21 17.96 -1.73
C SER F 31 -12.24 18.93 -2.91
N PHE F 32 -12.46 20.22 -2.67
CA PHE F 32 -12.49 21.21 -3.74
C PHE F 32 -11.85 22.50 -3.25
N GLY F 33 -10.76 22.91 -3.90
CA GLY F 33 -10.14 24.18 -3.62
C GLY F 33 -11.00 25.37 -4.00
N MET F 34 -11.61 26.02 -3.01
CA MET F 34 -12.54 27.10 -3.29
C MET F 34 -11.79 28.39 -3.68
N HIS F 35 -12.51 29.29 -4.33
CA HIS F 35 -11.96 30.54 -4.85
C HIS F 35 -13.00 31.64 -4.81
N TRP F 36 -12.64 32.81 -4.28
CA TRP F 36 -13.52 33.97 -4.37
C TRP F 36 -13.03 34.83 -5.54
N VAL F 37 -13.92 35.11 -6.48
CA VAL F 37 -13.66 36.01 -7.60
C VAL F 37 -14.72 37.10 -7.58
N ARG F 38 -14.30 38.34 -7.80
CA ARG F 38 -15.23 39.47 -7.76
C ARG F 38 -15.23 40.22 -9.08
N GLN F 39 -16.33 40.94 -9.30
CA GLN F 39 -16.55 41.67 -10.55
C GLN F 39 -17.14 43.03 -10.21
N ALA F 40 -16.37 44.09 -10.44
CA ALA F 40 -16.87 45.42 -10.21
C ALA F 40 -18.00 45.73 -11.19
N PRO F 41 -18.91 46.66 -10.82
CA PRO F 41 -20.15 46.84 -11.60
C PRO F 41 -20.00 46.83 -13.11
N GLU F 42 -19.17 47.70 -13.67
CA GLU F 42 -18.97 47.78 -15.11
C GLU F 42 -17.58 47.30 -15.54
N LYS F 43 -17.03 46.33 -14.83
CA LYS F 43 -15.64 45.95 -15.04
C LYS F 43 -15.48 44.44 -15.20
N GLY F 44 -14.24 43.98 -15.28
CA GLY F 44 -13.96 42.57 -15.50
C GLY F 44 -13.88 41.79 -14.21
N LEU F 45 -13.33 40.59 -14.32
CA LEU F 45 -13.20 39.68 -13.19
C LEU F 45 -11.85 39.89 -12.50
N GLU F 46 -11.86 39.79 -11.18
CA GLU F 46 -10.65 39.95 -10.39
C GLU F 46 -10.60 38.87 -9.31
N TRP F 47 -9.51 38.13 -9.27
CA TRP F 47 -9.37 37.06 -8.29
C TRP F 47 -9.11 37.68 -6.91
N VAL F 48 -9.74 37.12 -5.89
CA VAL F 48 -9.70 37.68 -4.54
C VAL F 48 -8.94 36.78 -3.58
N ALA F 49 -9.31 35.51 -3.48
CA ALA F 49 -8.68 34.64 -2.49
C ALA F 49 -8.92 33.19 -2.86
N TYR F 50 -8.06 32.32 -2.31
CA TYR F 50 -8.10 30.90 -2.58
C TYR F 50 -7.82 30.16 -1.27
N ILE F 51 -8.61 29.12 -0.99
CA ILE F 51 -8.33 28.23 0.13
C ILE F 51 -8.39 26.81 -0.40
N SER F 52 -7.31 26.05 -0.22
CA SER F 52 -7.25 24.71 -0.76
C SER F 52 -8.14 23.76 0.02
N SER F 53 -8.41 22.61 -0.59
CA SER F 53 -9.01 21.49 0.13
C SER F 53 -8.13 21.11 1.31
N GLY F 54 -8.72 21.07 2.50
CA GLY F 54 -7.98 20.84 3.72
C GLY F 54 -7.47 22.10 4.38
N SER F 55 -7.63 23.26 3.75
CA SER F 55 -7.27 24.57 4.29
C SER F 55 -5.78 24.72 4.51
N GLY F 56 -4.95 23.84 3.94
CA GLY F 56 -3.53 23.92 4.14
C GLY F 56 -2.85 25.07 3.42
N THR F 57 -3.48 25.60 2.38
CA THR F 57 -2.88 26.64 1.55
C THR F 57 -3.89 27.75 1.31
N ILE F 58 -3.49 28.98 1.58
CA ILE F 58 -4.34 30.15 1.41
C ILE F 58 -3.53 31.23 0.69
N TYR F 59 -4.12 31.80 -0.35
CA TYR F 59 -3.51 32.90 -1.10
C TYR F 59 -4.48 34.07 -1.17
N TYR F 60 -3.95 35.28 -1.13
CA TYR F 60 -4.75 36.47 -1.28
C TYR F 60 -4.22 37.32 -2.42
N ALA F 61 -5.13 38.07 -3.04
CA ALA F 61 -4.73 39.12 -3.97
C ALA F 61 -4.07 40.26 -3.21
N ASP F 62 -3.15 40.95 -3.89
CA ASP F 62 -2.41 42.03 -3.25
C ASP F 62 -3.35 43.09 -2.68
N THR F 63 -4.35 43.49 -3.46
CA THR F 63 -5.25 44.56 -3.06
C THR F 63 -6.13 44.20 -1.87
N VAL F 64 -6.05 42.98 -1.35
CA VAL F 64 -6.94 42.56 -0.27
C VAL F 64 -6.19 41.91 0.89
N LYS F 65 -4.94 41.49 0.71
CA LYS F 65 -4.23 40.83 1.80
C LYS F 65 -4.14 41.74 3.02
N GLY F 66 -4.27 41.15 4.20
CA GLY F 66 -4.35 41.87 5.44
C GLY F 66 -5.75 42.26 5.85
N ARG F 67 -6.63 42.54 4.89
CA ARG F 67 -7.98 43.00 5.16
C ARG F 67 -9.02 41.89 5.08
N PHE F 68 -8.89 40.98 4.11
CA PHE F 68 -9.87 39.92 3.91
C PHE F 68 -9.32 38.62 4.48
N THR F 69 -10.21 37.83 5.08
CA THR F 69 -9.87 36.50 5.56
C THR F 69 -10.82 35.49 4.92
N ILE F 70 -10.28 34.50 4.24
CA ILE F 70 -11.04 33.40 3.66
C ILE F 70 -10.97 32.21 4.61
N SER F 71 -12.10 31.52 4.77
CA SER F 71 -12.16 30.33 5.59
C SER F 71 -13.25 29.42 5.07
N ARG F 72 -13.23 28.16 5.52
CA ARG F 72 -14.24 27.19 5.15
C ARG F 72 -14.60 26.36 6.37
N ASP F 73 -15.86 25.96 6.45
CA ASP F 73 -16.35 25.07 7.50
C ASP F 73 -16.84 23.82 6.78
N ASP F 74 -15.96 22.81 6.68
CA ASP F 74 -16.26 21.64 5.88
C ASP F 74 -17.48 20.85 6.36
N PRO F 75 -17.68 20.58 7.65
CA PRO F 75 -18.89 19.84 8.06
C PRO F 75 -20.20 20.46 7.61
N LYS F 76 -20.30 21.79 7.55
CA LYS F 76 -21.53 22.44 7.11
C LYS F 76 -21.47 22.91 5.66
N ASN F 77 -20.44 22.52 4.91
CA ASN F 77 -20.34 22.77 3.48
C ASN F 77 -20.49 24.25 3.15
N THR F 78 -19.79 25.09 3.92
CA THR F 78 -19.92 26.54 3.79
C THR F 78 -18.56 27.19 3.67
N LEU F 79 -18.45 28.16 2.79
CA LEU F 79 -17.26 28.98 2.62
C LEU F 79 -17.51 30.39 3.12
N PHE F 80 -16.51 30.98 3.77
CA PHE F 80 -16.62 32.32 4.33
C PHE F 80 -15.55 33.24 3.79
N LEU F 81 -15.88 34.53 3.74
CA LEU F 81 -14.91 35.59 3.46
C LEU F 81 -15.16 36.71 4.46
N GLN F 82 -14.27 36.84 5.45
CA GLN F 82 -14.39 37.90 6.45
C GLN F 82 -13.63 39.11 5.95
N MET F 83 -14.36 40.18 5.67
CA MET F 83 -13.80 41.42 5.14
C MET F 83 -13.80 42.50 6.21
N THR F 84 -12.75 43.31 6.22
CA THR F 84 -12.63 44.43 7.13
C THR F 84 -12.05 45.62 6.39
N SER F 85 -12.21 46.80 6.99
CA SER F 85 -11.73 48.07 6.43
C SER F 85 -12.20 48.24 4.98
N LEU F 86 -13.49 48.03 4.77
CA LEU F 86 -14.04 48.04 3.43
C LEU F 86 -13.93 49.43 2.80
N ARG F 87 -13.41 49.47 1.58
CA ARG F 87 -13.28 50.69 0.81
C ARG F 87 -14.32 50.72 -0.32
N SER F 88 -14.43 51.88 -0.95
CA SER F 88 -15.35 52.03 -2.07
C SER F 88 -14.96 51.11 -3.22
N GLU F 89 -13.66 50.85 -3.39
CA GLU F 89 -13.18 50.01 -4.46
C GLU F 89 -13.46 48.53 -4.25
N ASP F 90 -14.06 48.15 -3.12
CA ASP F 90 -14.46 46.78 -2.88
C ASP F 90 -15.86 46.48 -3.36
N THR F 91 -16.61 47.49 -3.80
CA THR F 91 -17.96 47.29 -4.31
C THR F 91 -17.93 46.41 -5.55
N ALA F 92 -18.51 45.22 -5.46
CA ALA F 92 -18.46 44.27 -6.56
C ALA F 92 -19.46 43.15 -6.30
N MET F 93 -19.73 42.38 -7.34
CA MET F 93 -20.37 41.07 -7.20
C MET F 93 -19.31 40.03 -6.85
N TYR F 94 -19.57 39.23 -5.83
CA TYR F 94 -18.61 38.23 -5.36
C TYR F 94 -19.10 36.83 -5.72
N TYR F 95 -18.30 36.13 -6.51
CA TYR F 95 -18.60 34.76 -6.93
C TYR F 95 -17.79 33.78 -6.12
N CYS F 96 -18.45 32.73 -5.64
CA CYS F 96 -17.78 31.58 -5.05
C CYS F 96 -17.52 30.57 -6.17
N VAL F 97 -16.30 30.06 -6.26
CA VAL F 97 -15.88 29.22 -7.36
C VAL F 97 -15.18 27.99 -6.81
N ARG F 98 -15.57 26.81 -7.29
CA ARG F 98 -14.95 25.57 -6.90
C ARG F 98 -13.86 25.21 -7.90
N SER F 99 -12.84 24.49 -7.42
CA SER F 99 -11.70 24.16 -8.27
CA SER F 99 -11.71 24.14 -8.28
C SER F 99 -10.96 22.97 -7.66
N ILE F 100 -10.99 21.82 -8.33
CA ILE F 100 -10.30 20.63 -7.86
C ILE F 100 -9.08 20.41 -8.75
N TYR F 101 -7.95 20.06 -8.15
CA TYR F 101 -6.67 20.01 -8.85
C TYR F 101 -6.10 18.60 -8.76
N TYR F 102 -6.05 17.91 -9.91
CA TYR F 102 -5.33 16.67 -10.07
C TYR F 102 -5.08 16.49 -11.56
N TYR F 103 -4.28 15.47 -11.89
CA TYR F 103 -3.91 15.24 -13.28
C TYR F 103 -5.16 15.07 -14.14
N GLY F 104 -5.33 15.97 -15.11
CA GLY F 104 -6.46 15.92 -16.01
C GLY F 104 -7.72 16.58 -15.51
N SER F 105 -7.71 17.17 -14.33
CA SER F 105 -8.89 17.81 -13.79
C SER F 105 -9.24 19.05 -14.60
N SER F 106 -10.42 19.62 -14.32
CA SER F 106 -10.86 20.88 -14.91
C SER F 106 -11.10 21.87 -13.78
N PRO F 107 -10.10 22.67 -13.40
CA PRO F 107 -10.32 23.70 -12.39
C PRO F 107 -11.33 24.74 -12.85
N PHE F 108 -11.91 25.46 -11.88
CA PHE F 108 -12.78 26.60 -12.15
C PHE F 108 -14.01 26.21 -12.95
N ASP F 109 -14.53 25.01 -12.73
CA ASP F 109 -15.59 24.47 -13.59
C ASP F 109 -16.99 24.78 -13.10
N PHE F 110 -17.15 25.44 -11.95
CA PHE F 110 -18.48 25.84 -11.50
C PHE F 110 -18.39 27.11 -10.68
N TRP F 111 -19.23 28.08 -11.03
CA TRP F 111 -19.27 29.38 -10.39
C TRP F 111 -20.63 29.56 -9.72
N GLY F 112 -20.63 30.24 -8.59
CA GLY F 112 -21.86 30.52 -7.89
C GLY F 112 -22.67 31.58 -8.61
N GLN F 113 -23.85 31.88 -8.05
CA GLN F 113 -24.73 32.88 -8.63
C GLN F 113 -24.29 34.31 -8.35
N GLY F 114 -23.53 34.54 -7.30
CA GLY F 114 -23.01 35.86 -7.00
C GLY F 114 -23.88 36.58 -5.98
N THR F 115 -23.23 37.37 -5.14
CA THR F 115 -23.90 38.24 -4.19
C THR F 115 -23.34 39.65 -4.33
N THR F 116 -24.20 40.64 -4.18
CA THR F 116 -23.86 42.02 -4.50
C THR F 116 -23.44 42.74 -3.23
N LEU F 117 -22.29 43.39 -3.29
CA LEU F 117 -21.78 44.21 -2.20
C LEU F 117 -21.64 45.63 -2.67
N THR F 118 -22.19 46.58 -1.90
CA THR F 118 -22.12 47.99 -2.24
C THR F 118 -21.55 48.73 -1.04
N VAL F 119 -20.43 49.41 -1.24
CA VAL F 119 -19.81 50.23 -0.22
C VAL F 119 -20.09 51.69 -0.54
N SER F 120 -20.55 52.44 0.46
CA SER F 120 -21.00 53.81 0.24
C SER F 120 -19.81 54.71 -0.09
N SER F 121 -20.12 55.98 -0.37
CA SER F 121 -19.11 56.95 -0.77
C SER F 121 -18.50 57.64 0.44
N GLY F 135 3.31 44.97 -11.66
CA GLY F 135 4.70 44.66 -11.40
C GLY F 135 5.09 43.24 -11.77
N SER F 136 5.34 42.42 -10.75
CA SER F 136 5.64 41.00 -10.97
C SER F 136 4.44 40.21 -11.47
N ASP F 137 3.22 40.69 -11.23
CA ASP F 137 2.02 39.99 -11.67
C ASP F 137 1.99 39.89 -13.19
N ILE F 138 1.49 38.74 -13.67
CA ILE F 138 1.36 38.52 -15.10
C ILE F 138 0.19 39.35 -15.62
N VAL F 139 0.43 40.10 -16.70
CA VAL F 139 -0.62 40.92 -17.30
C VAL F 139 -1.26 40.13 -18.43
N MET F 140 -2.58 40.06 -18.43
CA MET F 140 -3.33 39.37 -19.46
C MET F 140 -3.98 40.43 -20.35
N THR F 141 -3.78 40.31 -21.67
CA THR F 141 -4.19 41.36 -22.60
C THR F 141 -5.12 40.79 -23.65
N GLN F 142 -6.35 41.30 -23.69
CA GLN F 142 -7.29 41.11 -24.79
C GLN F 142 -7.48 42.47 -25.46
N ALA F 143 -6.68 42.71 -26.50
CA ALA F 143 -6.64 44.02 -27.14
C ALA F 143 -7.96 44.43 -27.76
N THR F 144 -8.84 43.49 -28.07
CA THR F 144 -10.13 43.80 -28.68
C THR F 144 -11.22 43.78 -27.62
N SER F 145 -11.87 44.93 -27.43
CA SER F 145 -12.84 45.09 -26.35
C SER F 145 -14.22 44.62 -26.73
N SER F 146 -14.57 44.66 -28.02
CA SER F 146 -15.87 44.19 -28.47
C SER F 146 -15.77 43.76 -29.93
N VAL F 147 -16.70 42.91 -30.34
CA VAL F 147 -16.74 42.36 -31.70
C VAL F 147 -18.18 42.20 -32.14
N PRO F 148 -18.59 42.78 -33.28
CA PRO F 148 -19.95 42.53 -33.77
C PRO F 148 -20.01 41.26 -34.60
N VAL F 149 -21.02 40.42 -34.36
CA VAL F 149 -21.12 39.12 -35.00
C VAL F 149 -22.55 38.88 -35.46
N THR F 150 -22.70 37.96 -36.39
CA THR F 150 -23.99 37.49 -36.89
C THR F 150 -24.03 35.97 -36.77
N PRO F 151 -25.21 35.41 -36.49
CA PRO F 151 -25.30 33.95 -36.29
C PRO F 151 -24.77 33.18 -37.49
N GLY F 152 -24.29 31.97 -37.23
CA GLY F 152 -23.72 31.11 -38.24
C GLY F 152 -22.30 31.45 -38.65
N GLU F 153 -21.84 32.66 -38.40
CA GLU F 153 -20.48 33.06 -38.75
C GLU F 153 -19.49 32.46 -37.77
N SER F 154 -18.20 32.68 -38.03
CA SER F 154 -17.12 32.14 -37.21
C SER F 154 -16.30 33.29 -36.65
N VAL F 155 -16.00 33.21 -35.35
CA VAL F 155 -15.31 34.28 -34.64
C VAL F 155 -14.00 33.73 -34.08
N SER F 156 -13.05 34.63 -33.87
CA SER F 156 -11.77 34.29 -33.24
C SER F 156 -11.44 35.39 -32.25
N ILE F 157 -11.44 35.04 -30.97
CA ILE F 157 -11.07 35.98 -29.91
C ILE F 157 -9.62 35.71 -29.53
N SER F 158 -8.88 36.76 -29.23
CA SER F 158 -7.45 36.66 -28.97
C SER F 158 -7.12 37.13 -27.56
N CYS F 159 -6.02 36.62 -27.03
CA CYS F 159 -5.52 36.96 -25.71
C CYS F 159 -4.02 36.82 -25.74
N ARG F 160 -3.34 37.64 -24.95
CA ARG F 160 -1.89 37.61 -24.86
C ARG F 160 -1.46 37.77 -23.41
N SER F 161 -0.31 37.20 -23.09
CA SER F 161 0.24 37.24 -21.74
C SER F 161 1.58 37.94 -21.75
N SER F 162 1.87 38.68 -20.69
CA SER F 162 3.17 39.34 -20.56
C SER F 162 4.28 38.34 -20.27
N LYS F 163 3.95 37.11 -19.88
CA LYS F 163 4.92 36.06 -19.66
C LYS F 163 4.44 34.79 -20.37
N SER F 164 5.38 33.92 -20.72
CA SER F 164 5.03 32.65 -21.33
C SER F 164 4.26 31.79 -20.34
N LEU F 165 3.11 31.27 -20.76
CA LEU F 165 2.30 30.39 -19.93
C LEU F 165 2.65 28.92 -20.11
N LEU F 166 3.55 28.60 -21.02
CA LEU F 166 3.98 27.22 -21.22
C LEU F 166 4.98 26.83 -20.15
N HIS F 167 4.68 25.77 -19.41
CA HIS F 167 5.51 25.29 -18.33
C HIS F 167 6.41 24.15 -18.82
N SER F 168 7.49 23.92 -18.07
CA SER F 168 8.41 22.84 -18.38
C SER F 168 7.76 21.46 -18.37
N ASN F 169 6.61 21.31 -17.70
CA ASN F 169 5.90 20.05 -17.73
C ASN F 169 5.10 19.84 -19.01
N GLY F 170 5.00 20.86 -19.87
CA GLY F 170 4.30 20.75 -21.12
C GLY F 170 2.92 21.38 -21.14
N ASN F 171 2.36 21.72 -19.99
CA ASN F 171 1.05 22.34 -19.94
C ASN F 171 1.17 23.84 -20.13
N THR F 172 0.16 24.42 -20.77
CA THR F 172 0.05 25.87 -20.93
C THR F 172 -1.21 26.30 -20.20
N TYR F 173 -1.05 27.10 -19.15
CA TYR F 173 -2.09 27.28 -18.15
C TYR F 173 -2.98 28.47 -18.50
N LEU F 174 -3.80 28.29 -19.52
CA LEU F 174 -4.69 29.34 -20.01
C LEU F 174 -6.11 28.81 -20.02
N TYR F 175 -7.03 29.60 -19.45
CA TYR F 175 -8.42 29.22 -19.31
C TYR F 175 -9.29 30.25 -20.01
N TRP F 176 -10.39 29.81 -20.60
CA TRP F 176 -11.36 30.69 -21.22
C TRP F 176 -12.70 30.53 -20.50
N PHE F 177 -13.31 31.66 -20.15
CA PHE F 177 -14.63 31.67 -19.54
C PHE F 177 -15.60 32.47 -20.41
N LEU F 178 -16.87 32.14 -20.32
CA LEU F 178 -17.94 32.89 -20.97
C LEU F 178 -18.91 33.37 -19.91
N GLN F 179 -19.21 34.67 -19.91
CA GLN F 179 -20.25 35.22 -19.06
C GLN F 179 -21.38 35.72 -19.96
N ARG F 180 -22.49 34.98 -19.96
CA ARG F 180 -23.68 35.43 -20.66
C ARG F 180 -24.33 36.57 -19.89
N PRO F 181 -25.10 37.43 -20.56
CA PRO F 181 -25.69 38.59 -19.86
C PRO F 181 -26.62 38.16 -18.74
N GLY F 182 -26.33 38.66 -17.54
CA GLY F 182 -27.12 38.42 -16.35
C GLY F 182 -26.80 37.13 -15.62
N GLN F 183 -25.81 36.36 -16.07
CA GLN F 183 -25.48 35.08 -15.47
C GLN F 183 -24.01 35.07 -15.04
N SER F 184 -23.64 34.05 -14.28
CA SER F 184 -22.28 33.84 -13.82
C SER F 184 -21.38 33.31 -14.95
N PRO F 185 -20.07 33.57 -14.87
CA PRO F 185 -19.16 33.01 -15.87
C PRO F 185 -19.17 31.50 -15.88
N GLN F 186 -18.89 30.93 -17.05
CA GLN F 186 -18.89 29.50 -17.27
C GLN F 186 -17.60 29.10 -17.96
N LEU F 187 -16.96 28.04 -17.47
CA LEU F 187 -15.73 27.56 -18.09
C LEU F 187 -16.00 27.02 -19.48
N LEU F 188 -15.18 27.43 -20.45
CA LEU F 188 -15.21 26.89 -21.80
C LEU F 188 -14.02 26.03 -22.11
N ILE F 189 -12.81 26.55 -21.89
CA ILE F 189 -11.57 25.86 -22.24
C ILE F 189 -10.66 25.91 -21.02
N TYR F 190 -10.08 24.78 -20.66
CA TYR F 190 -9.04 24.74 -19.65
C TYR F 190 -7.73 24.27 -20.25
N ARG F 191 -6.63 24.87 -19.78
CA ARG F 191 -5.28 24.63 -20.28
C ARG F 191 -5.23 24.74 -21.81
N MET F 192 -5.86 25.80 -22.32
CA MET F 192 -5.73 26.34 -23.67
C MET F 192 -6.42 25.49 -24.74
N SER F 193 -6.34 24.16 -24.67
CA SER F 193 -6.92 23.33 -25.71
C SER F 193 -8.03 22.38 -25.27
N ASN F 194 -8.18 22.12 -23.98
CA ASN F 194 -9.17 21.16 -23.49
C ASN F 194 -10.57 21.74 -23.41
N LEU F 195 -11.52 21.04 -24.02
CA LEU F 195 -12.93 21.44 -24.00
C LEU F 195 -13.55 21.09 -22.66
N ALA F 196 -14.16 22.07 -22.01
CA ALA F 196 -14.84 21.81 -20.74
C ALA F 196 -16.04 20.91 -20.93
N SER F 197 -16.36 20.14 -19.89
CA SER F 197 -17.52 19.25 -19.91
C SER F 197 -18.80 20.02 -20.13
N GLY F 198 -19.64 19.54 -21.04
CA GLY F 198 -20.92 20.15 -21.33
C GLY F 198 -20.89 21.30 -22.30
N VAL F 199 -19.71 21.69 -22.78
CA VAL F 199 -19.57 22.81 -23.71
C VAL F 199 -19.61 22.24 -25.13
N PRO F 200 -20.41 22.83 -26.03
CA PRO F 200 -20.51 22.27 -27.39
C PRO F 200 -19.19 22.34 -28.13
N ASP F 201 -18.98 21.37 -29.02
CA ASP F 201 -17.73 21.18 -29.74
C ASP F 201 -17.47 22.31 -30.74
N ARG F 202 -18.35 23.29 -30.83
CA ARG F 202 -18.13 24.44 -31.71
C ARG F 202 -17.10 25.42 -31.18
N PHE F 203 -16.72 25.29 -29.91
CA PHE F 203 -15.64 26.07 -29.34
C PHE F 203 -14.33 25.30 -29.47
N SER F 204 -13.24 26.03 -29.67
CA SER F 204 -11.92 25.41 -29.71
C SER F 204 -10.87 26.45 -29.38
N GLY F 205 -9.79 26.00 -28.76
CA GLY F 205 -8.74 26.89 -28.34
C GLY F 205 -7.39 26.42 -28.84
N SER F 206 -6.53 27.39 -29.15
CA SER F 206 -5.19 27.10 -29.64
C SER F 206 -4.28 28.25 -29.24
N GLY F 207 -2.99 28.06 -29.49
CA GLY F 207 -2.02 29.10 -29.25
C GLY F 207 -0.66 28.47 -29.01
N SER F 208 0.27 29.30 -28.54
CA SER F 208 1.61 28.82 -28.21
C SER F 208 2.29 29.84 -27.31
N GLY F 209 2.50 29.47 -26.05
CA GLY F 209 3.39 30.22 -25.19
C GLY F 209 2.89 31.56 -24.68
N THR F 210 2.59 32.48 -25.57
CA THR F 210 2.26 33.84 -25.17
C THR F 210 0.97 34.34 -25.82
N ALA F 211 0.69 33.90 -27.03
CA ALA F 211 -0.50 34.33 -27.76
C ALA F 211 -1.45 33.15 -27.91
N PHE F 212 -2.75 33.41 -27.71
CA PHE F 212 -3.75 32.36 -27.66
C PHE F 212 -5.01 32.84 -28.36
N THR F 213 -5.78 31.88 -28.85
CA THR F 213 -6.96 32.16 -29.65
C THR F 213 -8.09 31.21 -29.29
N LEU F 214 -9.28 31.76 -29.05
CA LEU F 214 -10.49 30.96 -28.91
C LEU F 214 -11.32 31.16 -30.17
N THR F 215 -11.70 30.06 -30.81
CA THR F 215 -12.41 30.10 -32.08
C THR F 215 -13.77 29.44 -31.91
N ILE F 216 -14.80 30.13 -32.38
CA ILE F 216 -16.15 29.59 -32.40
C ILE F 216 -16.55 29.36 -33.85
N SER F 217 -17.12 28.18 -34.13
CA SER F 217 -17.60 27.84 -35.46
C SER F 217 -19.12 27.83 -35.45
N ARG F 218 -19.72 28.48 -36.44
CA ARG F 218 -21.17 28.58 -36.58
C ARG F 218 -21.82 29.05 -35.28
N LEU F 219 -21.48 30.28 -34.89
CA LEU F 219 -21.97 30.87 -33.66
C LEU F 219 -23.50 30.97 -33.63
N GLU F 220 -24.10 30.61 -32.49
CA GLU F 220 -25.55 30.64 -32.35
C GLU F 220 -25.97 31.86 -31.53
N ALA F 221 -27.27 31.95 -31.25
CA ALA F 221 -27.81 33.12 -30.56
C ALA F 221 -27.31 33.22 -29.13
N GLU F 222 -27.44 32.12 -28.37
CA GLU F 222 -27.10 32.12 -26.95
C GLU F 222 -25.61 32.35 -26.70
N ASP F 223 -24.77 32.26 -27.73
CA ASP F 223 -23.33 32.37 -27.58
C ASP F 223 -22.87 33.79 -27.23
N VAL F 224 -23.77 34.77 -27.28
CA VAL F 224 -23.40 36.16 -27.06
C VAL F 224 -23.03 36.38 -25.60
N GLY F 225 -21.96 37.14 -25.38
CA GLY F 225 -21.55 37.48 -24.03
C GLY F 225 -20.12 37.98 -24.02
N VAL F 226 -19.52 37.97 -22.84
CA VAL F 226 -18.17 38.45 -22.62
C VAL F 226 -17.26 37.26 -22.38
N TYR F 227 -16.11 37.24 -23.06
CA TYR F 227 -15.18 36.13 -22.99
C TYR F 227 -13.91 36.59 -22.28
N TYR F 228 -13.57 35.91 -21.19
CA TYR F 228 -12.39 36.23 -20.40
C TYR F 228 -11.36 35.11 -20.53
N CYS F 229 -10.11 35.49 -20.68
CA CYS F 229 -9.00 34.56 -20.54
C CYS F 229 -8.39 34.70 -19.15
N MET F 230 -7.71 33.65 -18.71
CA MET F 230 -7.16 33.64 -17.37
C MET F 230 -5.93 32.75 -17.37
N GLN F 231 -4.91 33.16 -16.64
CA GLN F 231 -3.71 32.38 -16.45
C GLN F 231 -3.74 31.68 -15.10
N HIS F 232 -3.33 30.42 -15.08
CA HIS F 232 -3.19 29.70 -13.82
C HIS F 232 -1.76 29.20 -13.65
N LEU F 233 -0.80 29.91 -14.26
CA LEU F 233 0.60 29.55 -14.12
C LEU F 233 1.11 29.83 -12.71
N GLU F 234 0.78 30.99 -12.15
CA GLU F 234 1.24 31.34 -10.81
C GLU F 234 0.26 32.31 -10.18
N TYR F 235 0.32 32.39 -8.87
CA TYR F 235 -0.55 33.31 -8.15
C TYR F 235 0.10 34.69 -8.04
N PRO F 236 -0.67 35.78 -8.10
CA PRO F 236 -2.13 35.85 -8.22
C PRO F 236 -2.65 35.50 -9.61
N LEU F 237 -3.77 34.81 -9.68
CA LEU F 237 -4.44 34.56 -10.94
C LEU F 237 -4.98 35.86 -11.50
N THR F 238 -4.86 36.05 -12.81
CA THR F 238 -5.21 37.30 -13.44
C THR F 238 -6.02 37.03 -14.70
N PHE F 239 -7.02 37.88 -14.93
CA PHE F 239 -7.93 37.74 -16.06
C PHE F 239 -7.64 38.82 -17.09
N GLY F 240 -8.08 38.56 -18.32
CA GLY F 240 -8.12 39.61 -19.30
C GLY F 240 -9.30 40.53 -19.08
N ALA F 241 -9.26 41.69 -19.74
CA ALA F 241 -10.32 42.67 -19.58
C ALA F 241 -11.65 42.17 -20.13
N GLY F 242 -11.64 41.16 -20.99
CA GLY F 242 -12.86 40.63 -21.54
C GLY F 242 -13.16 41.15 -22.93
N THR F 243 -13.70 40.30 -23.80
CA THR F 243 -14.12 40.67 -25.14
C THR F 243 -15.61 40.38 -25.27
N LYS F 244 -16.38 41.40 -25.65
CA LYS F 244 -17.81 41.27 -25.77
C LYS F 244 -18.20 40.89 -27.19
N LEU F 245 -19.16 39.97 -27.32
CA LEU F 245 -19.74 39.60 -28.61
C LEU F 245 -21.12 40.22 -28.71
N GLU F 246 -21.27 41.20 -29.61
CA GLU F 246 -22.54 41.86 -29.87
C GLU F 246 -23.18 41.28 -31.14
N LEU F 247 -24.50 41.26 -31.16
CA LEU F 247 -25.25 40.85 -32.34
C LEU F 247 -25.22 41.98 -33.37
N LYS F 248 -24.56 41.73 -34.49
CA LYS F 248 -24.35 42.69 -35.58
C LYS F 248 -24.20 44.13 -35.12
#